data_6N2W
#
_entry.id   6N2W
#
_cell.length_a   48.152
_cell.length_b   204.358
_cell.length_c   76.712
_cell.angle_alpha   90.000
_cell.angle_beta   99.906
_cell.angle_gamma   90.000
#
_symmetry.space_group_name_H-M   'P 1 21 1'
#
loop_
_entity.id
_entity.type
_entity.pdbx_description
1 polymer 'Arachidonate 5-lipoxygenase'
2 non-polymer 'FE (II) ION'
3 non-polymer 4-[(2R,3S)-3-[(3,4-DIHYDROXYPHENYL)METHYL]-2-METHYLBUTYL]BENZENE-1,2-DIOL
4 water water
#
_entity_poly.entity_id   1
_entity_poly.type   'polypeptide(L)'
_entity_poly.pdbx_seq_one_letter_code
;MGSSHHHHHHSSGLVPRGSHMPSYTVTVATGSQEHAGTDDYIYLSLVGSAGCSEKHLLDKGSFERGAVDSYDVTVDEELG
EIQLVRIEKRKYGSNDDWYLKYITLKTPHGDYIEFPCYRWITGDVEVVLRDGRAKLARDDQIHILKQHRRKELETRQKQY
RWMEWNPGFPLSIDAKCHKDLPRDIQFDSEKGVDFVLNYSKAMENLFINRFMHMFQSSWNDFADFEKIFVKISNTISERV
MNHWQEDLMFGYQFLNGANPVLIRRCTELPEKLPVTTEMVECSLERQLSLEQEVQQGNIFIVDFELLDGIDANKTDPCTL
QFLAAPICLLYKNLANKIVPIAIQLNQIPGDENPIFLPSDAKYDWLLAKIWVRSSDFHVHQTITHLLRTHLVSEVFGIAM
YRQLPAVHPIFKLLVAHVRFTIAINTKAREQLICECGLFDKANATGGGGHVQMVQRAMKDLTYASLCFPEAIKARGMESK
EDIPYYFYRDDGLLVWEAIRTFTAEVVDIYYEGDQVVEEDPELQDFVNDVYVYGMRGRKSSGFPKSVKSREQLSEYLTVV
IFTASAQHAAVNFGQYDWASWIPNAPPTMRAPPPTAKGVVTIEQIVDTLPDRGRSCWHLGAVWALSQFQENELFLGMYPE
EHFIEKPVKEAMARFRKNLEAIVSVIAERNENLQLPYYYLSPDRIPNSVAI
;
_entity_poly.pdbx_strand_id   A,B
#
loop_
_chem_comp.id
_chem_comp.type
_chem_comp.name
_chem_comp.formula
30Z non-polymer 4-[(2R,3S)-3-[(3,4-DIHYDROXYPHENYL)METHYL]-2-METHYLBUTYL]BENZENE-1,2-DIOL 'C18 H22 O4'
FE2 non-polymer 'FE (II) ION' 'Fe 2'
#
# COMPACT_ATOMS: atom_id res chain seq x y z
N SER A 3 -40.83 8.28 -43.08
CA SER A 3 -40.40 9.16 -41.99
C SER A 3 -39.28 10.10 -42.44
N SER A 4 -38.83 9.94 -43.68
CA SER A 4 -37.74 10.74 -44.23
C SER A 4 -38.33 11.91 -45.02
N HIS A 5 -38.06 13.12 -44.56
CA HIS A 5 -38.65 14.35 -45.12
C HIS A 5 -37.63 15.04 -46.03
N HIS A 6 -38.01 15.24 -47.29
CA HIS A 6 -37.15 15.84 -48.31
C HIS A 6 -37.63 17.25 -48.66
N HIS A 7 -36.72 18.21 -48.61
CA HIS A 7 -37.00 19.60 -48.93
C HIS A 7 -36.36 19.96 -50.25
N HIS A 8 -37.04 20.77 -51.05
CA HIS A 8 -36.54 21.06 -52.39
C HIS A 8 -36.59 22.56 -52.73
N SER A 23 -25.68 23.33 -55.92
CA SER A 23 -26.75 22.41 -55.52
C SER A 23 -26.25 21.22 -54.72
N TYR A 24 -26.34 21.30 -53.39
CA TYR A 24 -25.92 20.22 -52.50
C TYR A 24 -27.14 19.58 -51.83
N THR A 25 -27.11 18.26 -51.71
CA THR A 25 -28.17 17.52 -51.03
C THR A 25 -27.70 17.20 -49.61
N VAL A 26 -28.18 17.99 -48.64
CA VAL A 26 -27.74 17.89 -47.26
C VAL A 26 -28.76 17.07 -46.47
N THR A 27 -28.35 15.88 -46.05
CA THR A 27 -29.18 15.01 -45.24
C THR A 27 -28.79 15.18 -43.77
N VAL A 28 -29.81 15.30 -42.91
CA VAL A 28 -29.60 15.54 -41.49
C VAL A 28 -30.42 14.53 -40.70
N ALA A 29 -29.75 13.56 -40.08
CA ALA A 29 -30.41 12.56 -39.23
C ALA A 29 -30.44 13.07 -37.80
N THR A 30 -31.63 13.15 -37.23
CA THR A 30 -31.81 13.54 -35.84
C THR A 30 -31.86 12.29 -34.97
N GLY A 31 -31.52 12.47 -33.69
CA GLY A 31 -31.43 11.35 -32.79
C GLY A 31 -32.78 10.84 -32.36
N SER A 32 -32.79 9.58 -31.95
CA SER A 32 -33.99 8.88 -31.51
C SER A 32 -34.23 8.97 -30.01
N GLN A 33 -33.41 9.73 -29.28
CA GLN A 33 -33.59 9.89 -27.85
C GLN A 33 -34.88 10.65 -27.55
N GLU A 34 -35.29 10.58 -26.29
CA GLU A 34 -36.54 11.20 -25.88
C GLU A 34 -36.53 12.70 -26.16
N HIS A 35 -35.44 13.38 -25.80
CA HIS A 35 -35.32 14.82 -25.99
C HIS A 35 -34.55 15.19 -27.25
N ALA A 36 -34.32 14.23 -28.14
CA ALA A 36 -33.41 14.44 -29.26
C ALA A 36 -33.85 15.61 -30.13
N GLY A 37 -35.15 15.87 -30.22
CA GLY A 37 -35.65 16.90 -31.12
C GLY A 37 -35.32 18.31 -30.67
N THR A 38 -35.56 19.25 -31.59
CA THR A 38 -35.33 20.66 -31.33
C THR A 38 -36.29 21.48 -32.20
N ASP A 39 -36.47 22.75 -31.80
CA ASP A 39 -37.29 23.69 -32.54
C ASP A 39 -36.54 24.97 -32.91
N ASP A 40 -35.30 25.14 -32.46
CA ASP A 40 -34.52 26.33 -32.79
C ASP A 40 -34.16 26.34 -34.27
N TYR A 41 -33.53 27.43 -34.70
CA TYR A 41 -33.06 27.55 -36.07
C TYR A 41 -31.71 26.86 -36.22
N ILE A 42 -31.53 26.18 -37.35
CA ILE A 42 -30.33 25.39 -37.61
C ILE A 42 -29.66 25.96 -38.87
N TYR A 43 -28.49 26.55 -38.70
CA TYR A 43 -27.71 27.09 -39.80
C TYR A 43 -26.55 26.16 -40.09
N LEU A 44 -26.24 25.97 -41.37
CA LEU A 44 -25.31 24.95 -41.80
C LEU A 44 -24.40 25.51 -42.89
N SER A 45 -23.11 25.62 -42.58
CA SER A 45 -22.11 26.05 -43.54
C SER A 45 -21.34 24.85 -44.08
N LEU A 46 -20.67 25.06 -45.21
CA LEU A 46 -19.74 24.09 -45.79
C LEU A 46 -18.39 24.75 -45.99
N VAL A 47 -17.31 24.02 -45.69
CA VAL A 47 -15.95 24.54 -45.78
C VAL A 47 -15.17 23.62 -46.71
N GLY A 48 -14.98 24.05 -47.95
CA GLY A 48 -14.22 23.28 -48.90
C GLY A 48 -12.76 23.67 -48.91
N SER A 49 -12.01 23.02 -49.81
CA SER A 49 -10.61 23.38 -49.99
C SER A 49 -10.46 24.69 -50.74
N ALA A 50 -11.46 25.05 -51.55
CA ALA A 50 -11.41 26.26 -52.36
C ALA A 50 -12.09 27.46 -51.69
N GLY A 51 -12.64 27.28 -50.49
CA GLY A 51 -13.29 28.35 -49.78
C GLY A 51 -14.59 27.88 -49.14
N CYS A 52 -14.96 28.56 -48.06
CA CYS A 52 -16.21 28.23 -47.38
CA CYS A 52 -16.21 28.26 -47.37
C CYS A 52 -17.40 28.70 -48.21
N SER A 53 -18.58 28.35 -47.75
CA SER A 53 -19.82 28.76 -48.38
C SER A 53 -20.55 29.70 -47.42
N GLU A 54 -21.78 30.05 -47.77
CA GLU A 54 -22.60 30.90 -46.93
C GLU A 54 -23.45 30.03 -46.00
N LYS A 55 -23.89 30.62 -44.90
CA LYS A 55 -24.66 29.90 -43.90
C LYS A 55 -26.10 29.80 -44.39
N HIS A 56 -26.54 28.57 -44.71
CA HIS A 56 -27.90 28.32 -45.17
C HIS A 56 -28.76 27.94 -43.98
N LEU A 57 -29.80 28.75 -43.71
CA LEU A 57 -30.72 28.47 -42.60
C LEU A 57 -31.72 27.42 -43.08
N LEU A 58 -31.85 26.30 -42.36
CA LEU A 58 -32.83 25.28 -42.80
C LEU A 58 -34.20 25.96 -42.78
N ASP A 59 -35.00 25.76 -43.83
CA ASP A 59 -36.19 26.61 -44.08
C ASP A 59 -37.23 26.66 -42.95
N LYS A 60 -37.66 25.52 -42.40
CA LYS A 60 -38.78 25.66 -41.43
C LYS A 60 -38.99 24.41 -40.59
N GLY A 61 -39.95 24.50 -39.67
CA GLY A 61 -40.36 23.38 -38.81
C GLY A 61 -39.37 23.11 -37.71
N SER A 62 -39.49 21.92 -37.13
CA SER A 62 -38.60 21.47 -36.03
C SER A 62 -38.11 20.06 -36.36
N PHE A 63 -36.96 19.67 -35.81
CA PHE A 63 -36.44 18.29 -36.02
C PHE A 63 -36.89 17.47 -34.82
N GLU A 64 -37.67 16.43 -35.06
CA GLU A 64 -38.14 15.64 -33.93
C GLU A 64 -37.48 14.27 -33.94
N ARG A 65 -37.77 13.50 -32.88
CA ARG A 65 -37.18 12.18 -32.69
C ARG A 65 -37.20 11.36 -33.98
N GLY A 66 -36.17 10.54 -34.16
CA GLY A 66 -36.08 9.65 -35.29
C GLY A 66 -36.19 10.29 -36.66
N ALA A 67 -35.93 11.59 -36.75
CA ALA A 67 -36.13 12.26 -38.05
C ALA A 67 -34.92 12.17 -38.97
N VAL A 68 -35.16 12.16 -40.27
CA VAL A 68 -34.09 12.23 -41.30
C VAL A 68 -34.59 13.24 -42.32
N ASP A 69 -34.05 14.43 -42.35
CA ASP A 69 -34.56 15.47 -43.26
C ASP A 69 -33.45 15.82 -44.24
N SER A 70 -33.76 15.93 -45.53
CA SER A 70 -32.73 16.24 -46.54
C SER A 70 -33.01 17.58 -47.20
N TYR A 71 -32.01 18.44 -47.35
CA TYR A 71 -32.20 19.74 -47.96
C TYR A 71 -31.36 19.85 -49.23
N ASP A 72 -31.87 20.61 -50.19
CA ASP A 72 -31.13 20.97 -51.38
C ASP A 72 -30.57 22.36 -51.15
N VAL A 73 -29.24 22.45 -51.00
CA VAL A 73 -28.57 23.71 -50.69
C VAL A 73 -27.79 24.11 -51.92
N THR A 74 -28.22 25.20 -52.57
CA THR A 74 -27.53 25.72 -53.73
C THR A 74 -26.45 26.71 -53.28
N VAL A 75 -25.32 26.67 -53.96
CA VAL A 75 -24.19 27.51 -53.59
C VAL A 75 -23.76 28.32 -54.81
N ASP A 76 -23.27 29.55 -54.53
CA ASP A 76 -22.96 30.47 -55.61
C ASP A 76 -21.75 30.01 -56.42
N GLU A 77 -20.74 29.48 -55.75
CA GLU A 77 -19.46 29.20 -56.39
C GLU A 77 -18.99 27.79 -56.09
N GLU A 78 -18.22 27.23 -57.03
CA GLU A 78 -17.61 25.92 -56.82
C GLU A 78 -16.77 25.93 -55.54
N LEU A 79 -17.06 24.99 -54.65
CA LEU A 79 -16.40 24.93 -53.34
C LEU A 79 -15.22 23.97 -53.29
N GLY A 80 -15.01 23.16 -54.33
CA GLY A 80 -13.97 22.16 -54.28
C GLY A 80 -14.37 20.98 -53.41
N GLU A 81 -13.37 20.28 -52.91
CA GLU A 81 -13.61 19.15 -52.01
C GLU A 81 -14.07 19.66 -50.65
N ILE A 82 -15.05 18.97 -50.08
CA ILE A 82 -15.63 19.38 -48.80
C ILE A 82 -14.77 18.85 -47.66
N GLN A 83 -14.39 19.74 -46.75
CA GLN A 83 -13.51 19.42 -45.63
C GLN A 83 -14.18 19.49 -44.27
N LEU A 84 -15.18 20.35 -44.10
CA LEU A 84 -15.78 20.57 -42.80
C LEU A 84 -17.25 20.93 -42.98
N VAL A 85 -18.04 20.67 -41.95
CA VAL A 85 -19.44 21.04 -41.91
C VAL A 85 -19.69 21.81 -40.63
N ARG A 86 -20.28 23.00 -40.75
CA ARG A 86 -20.55 23.85 -39.60
C ARG A 86 -22.02 23.79 -39.23
N ILE A 87 -22.30 23.74 -37.95
CA ILE A 87 -23.64 23.70 -37.43
C ILE A 87 -23.76 24.76 -36.34
N GLU A 88 -24.86 25.50 -36.36
CA GLU A 88 -25.09 26.55 -35.37
C GLU A 88 -26.57 26.63 -35.09
N LYS A 89 -26.94 26.63 -33.80
CA LYS A 89 -28.33 26.57 -33.38
C LYS A 89 -28.72 27.90 -32.72
N ARG A 90 -29.61 28.64 -33.36
CA ARG A 90 -30.11 29.90 -32.82
C ARG A 90 -31.49 29.71 -32.19
N LYS A 91 -31.67 30.17 -30.97
CA LYS A 91 -32.90 29.90 -30.18
C LYS A 91 -34.22 30.32 -30.84
N TYR A 92 -35.28 29.61 -30.46
CA TYR A 92 -36.70 29.88 -30.79
C TYR A 92 -37.45 29.72 -29.46
N GLY A 93 -37.27 30.67 -28.55
CA GLY A 93 -37.84 30.53 -27.19
C GLY A 93 -36.86 29.78 -26.32
N SER A 94 -37.33 29.02 -25.32
CA SER A 94 -36.38 28.29 -24.45
C SER A 94 -35.55 27.33 -25.32
N ASN A 95 -34.23 27.34 -25.10
CA ASN A 95 -33.28 26.49 -25.87
C ASN A 95 -33.65 25.03 -25.72
N ASP A 96 -34.05 24.40 -26.82
CA ASP A 96 -34.37 22.97 -26.83
C ASP A 96 -33.18 22.23 -27.43
N ASP A 97 -32.51 21.42 -26.61
CA ASP A 97 -31.31 20.73 -27.05
C ASP A 97 -31.64 19.74 -28.16
N TRP A 98 -30.64 19.46 -29.01
CA TRP A 98 -30.84 18.71 -30.24
C TRP A 98 -29.71 17.69 -30.41
N TYR A 99 -30.07 16.43 -30.66
CA TYR A 99 -29.07 15.37 -30.82
C TYR A 99 -28.96 15.01 -32.30
N LEU A 100 -27.82 15.36 -32.90
CA LEU A 100 -27.56 15.10 -34.31
C LEU A 100 -26.76 13.82 -34.44
N LYS A 101 -27.33 12.82 -35.12
CA LYS A 101 -26.58 11.58 -35.35
C LYS A 101 -25.48 11.79 -36.38
N TYR A 102 -25.87 12.12 -37.61
CA TYR A 102 -24.91 12.24 -38.69
C TYR A 102 -25.43 13.23 -39.73
N ILE A 103 -24.52 13.67 -40.60
CA ILE A 103 -24.84 14.51 -41.74
C ILE A 103 -24.20 13.88 -42.97
N THR A 104 -24.97 13.75 -44.05
CA THR A 104 -24.44 13.27 -45.32
C THR A 104 -24.64 14.32 -46.39
N LEU A 105 -23.72 14.34 -47.35
CA LEU A 105 -23.74 15.26 -48.47
C LEU A 105 -23.70 14.49 -49.78
N LYS A 106 -24.50 14.93 -50.74
CA LYS A 106 -24.42 14.46 -52.13
C LYS A 106 -24.01 15.66 -52.96
N THR A 107 -22.71 15.77 -53.26
CA THR A 107 -22.19 16.94 -53.96
C THR A 107 -22.58 16.90 -55.43
N PRO A 108 -22.59 18.07 -56.10
CA PRO A 108 -22.95 18.08 -57.53
C PRO A 108 -22.05 17.21 -58.38
N HIS A 109 -20.79 17.06 -58.01
CA HIS A 109 -19.90 16.14 -58.72
C HIS A 109 -20.31 14.68 -58.59
N GLY A 110 -21.36 14.37 -57.81
CA GLY A 110 -21.78 13.00 -57.60
C GLY A 110 -21.18 12.30 -56.40
N ASP A 111 -20.45 13.02 -55.56
CA ASP A 111 -19.80 12.42 -54.41
C ASP A 111 -20.75 12.29 -53.24
N TYR A 112 -20.53 11.24 -52.43
CA TYR A 112 -21.28 11.01 -51.20
C TYR A 112 -20.30 11.03 -50.04
N ILE A 113 -20.58 11.87 -49.03
CA ILE A 113 -19.68 12.07 -47.90
C ILE A 113 -20.48 11.99 -46.60
N GLU A 114 -20.03 11.14 -45.68
CA GLU A 114 -20.70 10.95 -44.40
C GLU A 114 -19.94 11.67 -43.29
N PHE A 115 -20.64 12.53 -42.56
CA PHE A 115 -20.06 13.32 -41.45
C PHE A 115 -20.66 12.85 -40.14
N PRO A 116 -20.06 11.87 -39.44
CA PRO A 116 -20.62 11.38 -38.19
C PRO A 116 -20.66 12.43 -37.10
N CYS A 117 -21.65 12.37 -36.23
CA CYS A 117 -21.70 13.36 -35.14
C CYS A 117 -21.88 12.67 -33.80
N TYR A 118 -23.10 12.24 -33.51
CA TYR A 118 -23.49 11.59 -32.24
C TYR A 118 -23.14 12.49 -31.06
N ARG A 119 -23.54 13.75 -31.17
CA ARG A 119 -23.27 14.71 -30.08
C ARG A 119 -24.53 15.54 -29.82
N TRP A 120 -24.82 15.82 -28.56
CA TRP A 120 -25.86 16.78 -28.25
C TRP A 120 -25.38 18.16 -28.64
N ILE A 121 -26.26 18.97 -29.21
CA ILE A 121 -25.85 20.35 -29.64
C ILE A 121 -26.70 21.38 -28.89
N THR A 122 -26.16 21.99 -27.85
CA THR A 122 -26.88 22.98 -27.01
C THR A 122 -27.14 24.27 -27.78
N GLY A 123 -26.27 24.62 -28.72
CA GLY A 123 -26.47 25.90 -29.41
C GLY A 123 -25.73 27.02 -28.72
N ASP A 124 -24.97 26.66 -27.70
CA ASP A 124 -24.03 27.57 -26.97
C ASP A 124 -22.87 27.87 -27.91
N VAL A 125 -22.46 26.89 -28.71
CA VAL A 125 -21.26 27.00 -29.59
C VAL A 125 -21.48 26.27 -30.92
N GLU A 126 -20.64 26.58 -31.91
CA GLU A 126 -20.66 25.94 -33.22
C GLU A 126 -20.16 24.50 -33.10
N VAL A 127 -20.56 23.68 -34.08
CA VAL A 127 -20.15 22.28 -34.14
C VAL A 127 -19.57 22.02 -35.53
N VAL A 128 -18.29 21.66 -35.58
CA VAL A 128 -17.59 21.42 -36.84
C VAL A 128 -17.26 19.93 -36.93
N LEU A 129 -17.70 19.31 -38.02
CA LEU A 129 -17.57 17.87 -38.20
C LEU A 129 -16.58 17.53 -39.30
N ARG A 130 -15.74 16.54 -39.04
CA ARG A 130 -14.77 16.06 -40.02
C ARG A 130 -15.40 15.00 -40.90
N ASP A 131 -14.62 14.51 -41.86
CA ASP A 131 -15.06 13.40 -42.70
C ASP A 131 -15.13 12.12 -41.89
N GLY A 132 -16.00 11.20 -42.33
CA GLY A 132 -16.14 9.92 -41.66
C GLY A 132 -14.87 9.09 -41.63
N ARG A 133 -14.01 9.22 -42.64
CA ARG A 133 -12.79 8.44 -42.66
C ARG A 133 -11.89 8.84 -41.49
N ALA A 134 -11.35 7.83 -40.79
CA ALA A 134 -10.50 8.08 -39.63
C ALA A 134 -9.12 8.55 -40.09
N LYS A 135 -8.63 9.63 -39.48
CA LYS A 135 -7.36 10.23 -39.83
C LYS A 135 -6.50 10.38 -38.59
N LEU A 136 -5.20 10.16 -38.74
CA LEU A 136 -4.23 10.44 -37.70
C LEU A 136 -3.76 11.89 -37.81
N ALA A 137 -2.99 12.33 -36.83
CA ALA A 137 -2.39 13.66 -36.90
C ALA A 137 -1.51 13.79 -38.14
N ARG A 138 -0.79 12.72 -38.51
CA ARG A 138 0.12 12.78 -39.64
C ARG A 138 -0.60 12.81 -40.98
N ASP A 139 -1.88 12.44 -41.01
CA ASP A 139 -2.61 12.43 -42.27
C ASP A 139 -3.16 13.80 -42.68
N ASP A 140 -2.95 14.82 -41.85
CA ASP A 140 -3.52 16.15 -42.07
C ASP A 140 -2.38 17.14 -42.29
N GLN A 141 -2.35 17.75 -43.47
CA GLN A 141 -1.29 18.69 -43.80
C GLN A 141 -1.81 20.08 -44.12
N ILE A 142 -2.99 20.21 -44.70
CA ILE A 142 -3.52 21.52 -45.04
C ILE A 142 -4.04 22.20 -43.78
N HIS A 143 -3.84 23.52 -43.72
CA HIS A 143 -4.17 24.28 -42.51
C HIS A 143 -5.60 24.05 -42.07
N ILE A 144 -6.53 23.95 -43.01
CA ILE A 144 -7.95 23.89 -42.65
C ILE A 144 -8.18 22.81 -41.61
N LEU A 145 -7.67 21.61 -41.86
CA LEU A 145 -7.85 20.48 -40.97
C LEU A 145 -7.01 20.60 -39.71
N LYS A 146 -5.74 20.98 -39.85
CA LYS A 146 -4.86 21.05 -38.68
C LYS A 146 -5.45 21.96 -37.62
N GLN A 147 -5.95 23.13 -38.02
CA GLN A 147 -6.52 24.06 -37.07
C GLN A 147 -7.72 23.47 -36.36
N HIS A 148 -8.57 22.73 -37.09
CA HIS A 148 -9.74 22.13 -36.48
C HIS A 148 -9.36 21.07 -35.45
N ARG A 149 -8.43 20.19 -35.81
CA ARG A 149 -7.90 19.23 -34.85
C ARG A 149 -7.43 19.94 -33.59
N ARG A 150 -6.61 20.99 -33.76
CA ARG A 150 -5.99 21.66 -32.60
C ARG A 150 -7.03 22.40 -31.76
N LYS A 151 -8.04 22.98 -32.39
CA LYS A 151 -9.08 23.65 -31.62
C LYS A 151 -10.09 22.67 -31.03
N GLU A 152 -10.19 21.46 -31.60
CA GLU A 152 -11.04 20.46 -30.97
C GLU A 152 -10.43 20.00 -29.65
N LEU A 153 -9.13 19.71 -29.64
CA LEU A 153 -8.49 19.28 -28.41
C LEU A 153 -8.51 20.39 -27.36
N GLU A 154 -8.25 21.64 -27.79
CA GLU A 154 -8.28 22.76 -26.85
C GLU A 154 -9.64 22.88 -26.17
N THR A 155 -10.73 22.60 -26.91
CA THR A 155 -12.06 22.67 -26.31
C THR A 155 -12.35 21.42 -25.48
N ARG A 156 -11.88 20.26 -25.94
CA ARG A 156 -11.89 19.07 -25.10
C ARG A 156 -11.16 19.34 -23.78
N GLN A 157 -9.92 19.81 -23.88
CA GLN A 157 -9.05 19.85 -22.71
C GLN A 157 -9.51 20.87 -21.68
N LYS A 158 -10.56 21.63 -21.94
CA LYS A 158 -11.13 22.46 -20.88
C LYS A 158 -12.56 22.09 -20.52
N GLN A 159 -13.23 21.28 -21.34
CA GLN A 159 -14.53 20.75 -20.94
C GLN A 159 -14.38 19.50 -20.08
N TYR A 160 -13.54 18.56 -20.50
CA TYR A 160 -13.33 17.32 -19.74
C TYR A 160 -12.02 17.47 -18.97
N ARG A 161 -12.11 17.94 -17.73
CA ARG A 161 -10.95 18.15 -16.88
C ARG A 161 -10.89 17.10 -15.78
N TRP A 162 -9.70 16.94 -15.21
CA TRP A 162 -9.47 15.98 -14.13
C TRP A 162 -9.77 16.60 -12.76
N MET A 163 -10.02 15.74 -11.79
CA MET A 163 -10.29 16.20 -10.42
C MET A 163 -10.24 15.02 -9.45
N GLU A 164 -9.58 15.21 -8.32
CA GLU A 164 -9.46 14.16 -7.30
C GLU A 164 -10.69 14.19 -6.40
N TRP A 165 -11.57 13.20 -6.55
CA TRP A 165 -12.78 13.15 -5.74
C TRP A 165 -12.45 12.81 -4.30
N ASN A 166 -11.67 11.76 -4.09
CA ASN A 166 -11.18 11.35 -2.77
C ASN A 166 -9.67 11.19 -2.81
N PRO A 167 -9.00 11.44 -1.68
CA PRO A 167 -7.53 11.39 -1.67
C PRO A 167 -7.04 10.00 -2.01
N GLY A 168 -6.04 9.94 -2.88
CA GLY A 168 -5.47 8.68 -3.34
C GLY A 168 -6.32 7.90 -4.32
N PHE A 169 -7.56 8.33 -4.56
CA PHE A 169 -8.39 7.71 -5.57
C PHE A 169 -7.84 7.98 -6.96
N PRO A 170 -8.20 7.16 -7.94
CA PRO A 170 -7.97 7.55 -9.34
C PRO A 170 -8.73 8.83 -9.65
N LEU A 171 -8.05 9.77 -10.30
CA LEU A 171 -8.67 11.05 -10.63
C LEU A 171 -9.87 10.82 -11.54
N SER A 172 -10.89 11.67 -11.39
CA SER A 172 -12.12 11.48 -12.14
C SER A 172 -12.57 12.77 -12.79
N ILE A 173 -13.76 12.77 -13.40
CA ILE A 173 -14.25 13.93 -14.12
C ILE A 173 -14.46 15.08 -13.14
N ASP A 174 -14.06 16.27 -13.57
CA ASP A 174 -14.22 17.48 -12.78
C ASP A 174 -15.66 17.95 -12.90
N ALA A 175 -16.51 17.37 -12.05
CA ALA A 175 -17.93 17.70 -12.03
C ALA A 175 -18.51 17.21 -10.71
N LYS A 176 -19.26 18.08 -10.03
CA LYS A 176 -19.85 17.69 -8.75
C LYS A 176 -21.13 16.88 -8.94
N CYS A 177 -22.04 17.36 -9.78
CA CYS A 177 -23.32 16.69 -9.99
C CYS A 177 -23.47 16.31 -11.46
N HIS A 178 -24.54 15.57 -11.76
CA HIS A 178 -24.74 15.05 -13.10
C HIS A 178 -24.81 16.16 -14.13
N LYS A 179 -25.72 17.12 -13.94
CA LYS A 179 -25.95 18.18 -14.91
C LYS A 179 -24.77 19.13 -15.07
N ASP A 180 -23.70 18.99 -14.29
CA ASP A 180 -22.50 19.78 -14.53
C ASP A 180 -21.69 19.22 -15.70
N LEU A 181 -21.74 17.91 -15.90
CA LEU A 181 -21.02 17.24 -16.96
C LEU A 181 -21.36 17.88 -18.30
N PRO A 182 -20.45 17.84 -19.27
CA PRO A 182 -20.81 18.28 -20.63
C PRO A 182 -22.08 17.55 -21.07
N ARG A 183 -22.84 18.20 -21.96
CA ARG A 183 -24.11 17.63 -22.39
C ARG A 183 -23.93 16.37 -23.23
N ASP A 184 -22.76 16.18 -23.83
CA ASP A 184 -22.55 14.99 -24.69
C ASP A 184 -22.39 13.71 -23.87
N ILE A 185 -21.93 13.81 -22.64
CA ILE A 185 -21.73 12.58 -21.82
C ILE A 185 -22.83 12.47 -20.76
N GLN A 186 -23.84 13.32 -20.82
CA GLN A 186 -24.95 13.23 -19.84
C GLN A 186 -25.88 12.06 -20.17
N PHE A 187 -26.50 11.52 -19.15
CA PHE A 187 -27.43 10.38 -19.30
C PHE A 187 -28.75 10.87 -19.86
N ASP A 188 -29.44 10.02 -20.60
CA ASP A 188 -30.76 10.38 -21.18
C ASP A 188 -31.80 10.45 -20.04
N SER A 233 -37.21 -16.22 -7.07
CA SER A 233 -37.15 -15.17 -8.08
C SER A 233 -36.50 -15.65 -9.38
N ASN A 234 -35.20 -15.92 -9.31
CA ASN A 234 -34.40 -16.32 -10.45
C ASN A 234 -34.01 -17.79 -10.37
N THR A 235 -33.60 -18.35 -11.51
CA THR A 235 -33.14 -19.73 -11.52
C THR A 235 -31.93 -19.92 -10.61
N ILE A 236 -31.03 -18.94 -10.57
CA ILE A 236 -29.81 -19.07 -9.77
C ILE A 236 -30.05 -18.64 -8.33
N SER A 237 -30.85 -17.60 -8.08
CA SER A 237 -31.07 -17.19 -6.69
C SER A 237 -31.91 -18.21 -5.94
N GLU A 238 -32.87 -18.84 -6.62
CA GLU A 238 -33.62 -19.92 -5.98
C GLU A 238 -32.68 -21.00 -5.49
N ARG A 239 -31.79 -21.48 -6.37
CA ARG A 239 -30.83 -22.50 -5.99
C ARG A 239 -29.96 -22.06 -4.83
N VAL A 240 -29.58 -20.78 -4.80
CA VAL A 240 -28.83 -20.26 -3.66
C VAL A 240 -29.69 -20.22 -2.40
N MET A 241 -31.02 -20.33 -2.55
CA MET A 241 -31.88 -20.35 -1.37
C MET A 241 -31.93 -21.73 -0.72
N ASN A 242 -31.88 -22.80 -1.52
CA ASN A 242 -31.99 -24.17 -1.03
C ASN A 242 -30.64 -24.85 -0.84
N HIS A 243 -29.53 -24.12 -0.95
CA HIS A 243 -28.23 -24.76 -0.87
C HIS A 243 -27.12 -23.92 -0.27
N TRP A 244 -27.36 -22.66 0.07
CA TRP A 244 -26.28 -21.78 0.54
C TRP A 244 -25.55 -22.31 1.78
N GLN A 245 -26.10 -23.31 2.46
CA GLN A 245 -25.46 -23.90 3.63
C GLN A 245 -24.48 -25.01 3.27
N GLU A 246 -24.39 -25.38 1.99
CA GLU A 246 -23.51 -26.45 1.56
C GLU A 246 -22.12 -25.92 1.26
N ASP A 247 -21.10 -26.65 1.75
CA ASP A 247 -19.73 -26.26 1.43
C ASP A 247 -19.49 -26.22 -0.07
N LEU A 248 -20.21 -27.05 -0.84
CA LEU A 248 -20.10 -27.00 -2.29
C LEU A 248 -20.51 -25.63 -2.82
N MET A 249 -21.73 -25.19 -2.48
CA MET A 249 -22.17 -23.88 -2.94
C MET A 249 -21.21 -22.79 -2.49
N PHE A 250 -20.73 -22.89 -1.26
CA PHE A 250 -19.85 -21.85 -0.73
C PHE A 250 -18.59 -21.74 -1.57
N GLY A 251 -17.94 -22.89 -1.83
CA GLY A 251 -16.73 -22.88 -2.61
C GLY A 251 -16.95 -22.57 -4.07
N TYR A 252 -18.11 -22.98 -4.61
CA TYR A 252 -18.39 -22.75 -6.03
C TYR A 252 -18.43 -21.28 -6.37
N GLN A 253 -18.95 -20.44 -5.47
CA GLN A 253 -19.01 -19.00 -5.73
C GLN A 253 -17.64 -18.36 -5.86
N PHE A 254 -16.61 -19.00 -5.32
CA PHE A 254 -15.26 -18.47 -5.48
C PHE A 254 -14.74 -18.60 -6.90
N LEU A 255 -15.46 -19.27 -7.78
CA LEU A 255 -15.03 -19.41 -9.16
C LEU A 255 -16.05 -18.91 -10.16
N ASN A 256 -17.34 -19.19 -9.94
CA ASN A 256 -18.38 -18.90 -10.92
C ASN A 256 -19.48 -18.03 -10.32
N GLY A 257 -19.19 -17.31 -9.24
CA GLY A 257 -20.15 -16.45 -8.59
C GLY A 257 -19.98 -14.99 -8.97
N ALA A 258 -20.64 -14.12 -8.21
CA ALA A 258 -20.61 -12.70 -8.52
C ALA A 258 -19.20 -12.13 -8.55
N ASN A 259 -18.30 -12.64 -7.70
CA ASN A 259 -16.99 -12.02 -7.46
C ASN A 259 -15.90 -13.08 -7.59
N PRO A 260 -15.64 -13.56 -8.82
CA PRO A 260 -14.83 -14.79 -8.99
C PRO A 260 -13.35 -14.55 -9.23
N VAL A 261 -12.74 -13.57 -8.56
CA VAL A 261 -11.42 -13.08 -8.92
C VAL A 261 -10.43 -13.14 -7.77
N LEU A 262 -10.82 -13.64 -6.60
CA LEU A 262 -10.00 -13.61 -5.39
C LEU A 262 -9.22 -14.90 -5.15
N ILE A 263 -9.86 -16.05 -5.37
CA ILE A 263 -9.22 -17.32 -5.07
C ILE A 263 -7.87 -17.40 -5.78
N ARG A 264 -6.88 -17.96 -5.08
CA ARG A 264 -5.57 -18.19 -5.65
C ARG A 264 -5.07 -19.56 -5.20
N ARG A 265 -4.31 -20.21 -6.08
CA ARG A 265 -3.68 -21.46 -5.69
C ARG A 265 -2.63 -21.18 -4.62
N CYS A 266 -2.56 -22.05 -3.64
CA CYS A 266 -1.63 -21.90 -2.53
C CYS A 266 -0.39 -22.73 -2.81
N THR A 267 0.80 -22.17 -2.54
CA THR A 267 2.03 -22.93 -2.67
C THR A 267 2.80 -23.06 -1.36
N GLU A 268 2.26 -22.54 -0.27
CA GLU A 268 2.78 -22.83 1.05
C GLU A 268 1.83 -22.23 2.08
N LEU A 269 1.55 -22.99 3.11
CA LEU A 269 0.63 -22.55 4.12
C LEU A 269 1.15 -21.28 4.77
N PRO A 270 0.39 -20.19 4.76
CA PRO A 270 0.84 -18.98 5.46
C PRO A 270 1.14 -19.29 6.92
N GLU A 271 2.13 -18.57 7.47
CA GLU A 271 2.45 -18.72 8.88
C GLU A 271 1.35 -18.17 9.77
N LYS A 272 0.52 -17.27 9.25
CA LYS A 272 -0.56 -16.68 10.02
C LYS A 272 -1.79 -17.57 10.08
N LEU A 273 -1.70 -18.79 9.57
CA LEU A 273 -2.79 -19.78 9.64
C LEU A 273 -2.19 -21.06 10.21
N PRO A 274 -2.08 -21.17 11.53
CA PRO A 274 -1.47 -22.36 12.12
C PRO A 274 -2.40 -23.56 12.03
N VAL A 275 -2.65 -24.01 10.80
CA VAL A 275 -3.51 -25.15 10.54
C VAL A 275 -2.63 -26.38 10.35
N THR A 276 -3.01 -27.48 11.00
CA THR A 276 -2.27 -28.73 10.95
C THR A 276 -3.07 -29.79 10.21
N THR A 277 -2.38 -30.86 9.83
CA THR A 277 -3.05 -31.94 9.12
C THR A 277 -4.13 -32.58 9.98
N GLU A 278 -3.94 -32.60 11.31
CA GLU A 278 -4.90 -33.29 12.16
C GLU A 278 -6.24 -32.58 12.17
N MET A 279 -6.24 -31.25 12.09
CA MET A 279 -7.50 -30.50 12.10
C MET A 279 -8.31 -30.75 10.83
N VAL A 280 -7.64 -30.96 9.71
CA VAL A 280 -8.28 -31.17 8.43
C VAL A 280 -8.14 -32.62 7.96
N GLU A 281 -7.87 -33.56 8.88
CA GLU A 281 -7.88 -34.98 8.55
C GLU A 281 -9.15 -35.34 7.78
N CYS A 282 -10.31 -35.04 8.36
CA CYS A 282 -11.59 -35.48 7.83
C CYS A 282 -11.90 -34.89 6.45
N SER A 283 -11.31 -33.74 6.10
CA SER A 283 -11.60 -33.12 4.80
C SER A 283 -10.72 -33.67 3.68
N LEU A 284 -9.47 -34.03 3.98
CA LEU A 284 -8.58 -34.55 2.96
C LEU A 284 -9.03 -35.93 2.52
N GLU A 285 -8.87 -36.23 1.23
CA GLU A 285 -9.36 -37.53 0.71
C GLU A 285 -8.29 -38.26 -0.12
N ARG A 286 -7.07 -37.73 -0.22
CA ARG A 286 -6.04 -38.38 -1.06
C ARG A 286 -5.03 -39.17 -0.21
N GLN A 287 -5.31 -39.33 1.08
CA GLN A 287 -4.42 -40.04 2.06
C GLN A 287 -3.05 -39.36 2.11
N LEU A 288 -3.03 -38.02 2.06
CA LEU A 288 -1.79 -37.21 2.08
C LEU A 288 -1.89 -36.20 3.22
N SER A 289 -0.75 -35.71 3.68
CA SER A 289 -0.76 -34.69 4.75
C SER A 289 -1.02 -33.33 4.10
N LEU A 290 -1.65 -32.42 4.85
CA LEU A 290 -1.91 -31.06 4.36
C LEU A 290 -0.66 -30.47 3.72
N GLU A 291 0.50 -30.70 4.34
CA GLU A 291 1.76 -30.19 3.79
C GLU A 291 2.02 -30.77 2.40
N GLN A 292 1.64 -32.03 2.18
CA GLN A 292 1.88 -32.68 0.89
C GLN A 292 0.78 -32.38 -0.12
N GLU A 293 -0.45 -32.18 0.35
CA GLU A 293 -1.52 -31.81 -0.56
C GLU A 293 -1.28 -30.42 -1.15
N VAL A 294 -0.54 -29.57 -0.42
CA VAL A 294 -0.18 -28.26 -0.93
C VAL A 294 0.77 -28.39 -2.11
N GLN A 295 1.76 -29.28 -2.01
CA GLN A 295 2.72 -29.49 -3.09
C GLN A 295 2.03 -29.92 -4.38
N GLN A 296 1.18 -30.95 -4.30
CA GLN A 296 0.41 -31.40 -5.45
C GLN A 296 -0.48 -30.31 -6.04
N GLY A 297 -0.59 -29.16 -5.38
CA GLY A 297 -1.40 -28.07 -5.89
C GLY A 297 -2.88 -28.23 -5.67
N ASN A 298 -3.28 -28.91 -4.61
CA ASN A 298 -4.68 -29.16 -4.33
C ASN A 298 -5.24 -28.27 -3.23
N ILE A 299 -4.43 -27.37 -2.68
CA ILE A 299 -4.88 -26.43 -1.67
C ILE A 299 -4.99 -25.06 -2.31
N PHE A 300 -6.06 -24.34 -1.98
CA PHE A 300 -6.33 -23.00 -2.46
C PHE A 300 -6.71 -22.14 -1.27
N ILE A 301 -6.39 -20.85 -1.36
CA ILE A 301 -6.59 -19.93 -0.24
C ILE A 301 -7.25 -18.65 -0.75
N VAL A 302 -8.13 -18.09 0.07
CA VAL A 302 -8.72 -16.77 -0.16
C VAL A 302 -8.41 -15.94 1.08
N ASP A 303 -7.63 -14.89 0.90
CA ASP A 303 -7.15 -14.05 1.99
C ASP A 303 -7.71 -12.66 1.81
N PHE A 304 -8.37 -12.14 2.84
CA PHE A 304 -8.93 -10.79 2.83
C PHE A 304 -8.05 -9.81 3.58
N GLU A 305 -6.73 -9.93 3.47
CA GLU A 305 -5.87 -9.02 4.22
C GLU A 305 -6.09 -7.57 3.83
N LEU A 306 -6.80 -7.32 2.72
CA LEU A 306 -7.13 -5.96 2.34
C LEU A 306 -8.12 -5.30 3.30
N LEU A 307 -8.87 -6.08 4.07
CA LEU A 307 -9.82 -5.55 5.03
C LEU A 307 -9.23 -5.33 6.41
N ASP A 308 -8.04 -5.85 6.67
CA ASP A 308 -7.42 -5.69 7.99
C ASP A 308 -7.09 -4.22 8.23
N GLY A 309 -7.75 -3.62 9.21
CA GLY A 309 -7.52 -2.24 9.57
C GLY A 309 -8.66 -1.30 9.24
N ILE A 310 -9.52 -1.68 8.28
CA ILE A 310 -10.65 -0.85 7.94
C ILE A 310 -11.50 -0.59 9.18
N ASP A 311 -12.11 0.58 9.25
CA ASP A 311 -12.95 0.95 10.38
C ASP A 311 -14.40 0.53 10.15
N GLN A 321 -22.26 -4.07 12.74
CA GLN A 321 -21.46 -2.86 12.68
C GLN A 321 -19.97 -3.17 12.72
N PHE A 322 -19.56 -4.30 12.12
CA PHE A 322 -18.22 -4.80 12.29
C PHE A 322 -17.66 -5.31 10.97
N LEU A 323 -16.35 -5.60 10.99
CA LEU A 323 -15.64 -6.16 9.85
C LEU A 323 -14.72 -7.27 10.34
N ALA A 324 -14.21 -8.04 9.39
CA ALA A 324 -13.30 -9.14 9.65
C ALA A 324 -12.26 -9.21 8.54
N ALA A 325 -11.22 -10.01 8.74
CA ALA A 325 -10.14 -10.18 7.78
C ALA A 325 -9.89 -11.66 7.53
N PRO A 326 -10.90 -12.40 7.12
CA PRO A 326 -10.81 -13.85 7.12
C PRO A 326 -9.75 -14.41 6.18
N ILE A 327 -9.14 -15.51 6.61
CA ILE A 327 -8.34 -16.38 5.76
C ILE A 327 -9.11 -17.67 5.61
N CYS A 328 -9.52 -18.00 4.39
CA CYS A 328 -10.29 -19.20 4.12
C CYS A 328 -9.44 -20.18 3.31
N LEU A 329 -9.21 -21.36 3.86
CA LEU A 329 -8.43 -22.39 3.18
C LEU A 329 -9.37 -23.35 2.46
N LEU A 330 -8.95 -23.80 1.27
CA LEU A 330 -9.84 -24.58 0.42
C LEU A 330 -9.08 -25.76 -0.19
N TYR A 331 -9.83 -26.75 -0.66
CA TYR A 331 -9.29 -28.04 -1.05
C TYR A 331 -10.01 -28.55 -2.28
N LYS A 332 -9.26 -29.12 -3.22
CA LYS A 332 -9.84 -29.72 -4.42
C LYS A 332 -9.98 -31.22 -4.18
N ASN A 333 -11.19 -31.65 -3.78
CA ASN A 333 -11.39 -33.03 -3.39
C ASN A 333 -11.37 -33.94 -4.63
N LEU A 334 -11.69 -35.23 -4.42
CA LEU A 334 -11.62 -36.20 -5.50
C LEU A 334 -12.66 -35.96 -6.58
N ALA A 335 -13.59 -35.04 -6.36
CA ALA A 335 -14.58 -34.65 -7.36
C ALA A 335 -14.13 -33.46 -8.19
N ASN A 336 -12.87 -33.05 -8.05
CA ASN A 336 -12.34 -31.84 -8.70
C ASN A 336 -13.15 -30.60 -8.37
N LYS A 337 -13.95 -30.66 -7.30
CA LYS A 337 -14.66 -29.52 -6.76
C LYS A 337 -13.80 -28.82 -5.70
N ILE A 338 -14.09 -27.55 -5.45
CA ILE A 338 -13.35 -26.77 -4.47
C ILE A 338 -14.30 -26.43 -3.33
N VAL A 339 -14.05 -27.04 -2.17
CA VAL A 339 -14.87 -26.90 -0.97
C VAL A 339 -14.03 -26.31 0.15
N PRO A 340 -14.63 -25.63 1.13
CA PRO A 340 -13.85 -25.05 2.21
C PRO A 340 -13.53 -26.08 3.30
N ILE A 341 -12.31 -25.98 3.83
CA ILE A 341 -11.83 -26.89 4.87
C ILE A 341 -11.26 -26.15 6.08
N ALA A 342 -11.22 -24.82 6.08
CA ALA A 342 -10.70 -24.09 7.23
C ALA A 342 -11.08 -22.62 7.05
N ILE A 343 -11.25 -21.93 8.17
CA ILE A 343 -11.63 -20.52 8.13
C ILE A 343 -11.14 -19.82 9.39
N GLN A 344 -10.23 -18.87 9.23
CA GLN A 344 -9.76 -18.03 10.32
C GLN A 344 -10.21 -16.60 10.04
N LEU A 345 -11.06 -16.06 10.92
CA LEU A 345 -11.80 -14.85 10.56
C LEU A 345 -10.97 -13.59 10.66
N ASN A 346 -9.81 -13.63 11.31
CA ASN A 346 -8.93 -12.46 11.39
C ASN A 346 -7.50 -12.86 11.06
N GLN A 347 -6.66 -11.84 10.88
CA GLN A 347 -5.35 -12.05 10.27
C GLN A 347 -4.32 -12.58 11.26
N ILE A 348 -4.31 -12.06 12.48
CA ILE A 348 -3.36 -12.46 13.50
C ILE A 348 -3.92 -13.68 14.24
N PRO A 349 -3.28 -14.84 14.18
CA PRO A 349 -3.81 -16.02 14.86
C PRO A 349 -3.67 -15.89 16.38
N GLY A 350 -4.43 -16.72 17.07
CA GLY A 350 -4.47 -16.69 18.52
C GLY A 350 -5.66 -17.49 19.03
N ASP A 351 -5.77 -17.54 20.36
CA ASP A 351 -6.81 -18.36 20.96
C ASP A 351 -8.18 -17.68 20.97
N GLU A 352 -8.25 -16.37 20.80
CA GLU A 352 -9.51 -15.69 20.60
C GLU A 352 -9.80 -15.42 19.12
N ASN A 353 -9.09 -16.09 18.22
CA ASN A 353 -9.35 -16.07 16.79
C ASN A 353 -9.31 -17.51 16.28
N PRO A 354 -10.35 -18.28 16.55
CA PRO A 354 -10.27 -19.73 16.30
C PRO A 354 -10.29 -20.08 14.83
N ILE A 355 -9.62 -21.18 14.49
CA ILE A 355 -9.68 -21.73 13.14
C ILE A 355 -10.90 -22.62 13.06
N PHE A 356 -11.98 -22.11 12.48
CA PHE A 356 -13.18 -22.91 12.34
C PHE A 356 -13.02 -24.01 11.30
N LEU A 357 -13.72 -25.10 11.52
CA LEU A 357 -13.59 -26.32 10.74
C LEU A 357 -14.98 -26.82 10.38
N PRO A 358 -15.11 -27.52 9.26
CA PRO A 358 -16.40 -28.13 8.93
C PRO A 358 -16.80 -29.24 9.88
N SER A 359 -15.86 -29.76 10.67
CA SER A 359 -16.15 -30.72 11.72
C SER A 359 -16.58 -30.06 13.02
N ASP A 360 -16.51 -28.74 13.11
CA ASP A 360 -17.00 -28.03 14.27
C ASP A 360 -18.53 -28.09 14.34
N ALA A 361 -19.05 -27.65 15.48
CA ALA A 361 -20.49 -27.62 15.70
C ALA A 361 -21.19 -26.98 14.50
N LYS A 362 -22.42 -27.43 14.25
CA LYS A 362 -23.15 -27.01 13.05
C LYS A 362 -23.14 -25.50 12.88
N TYR A 363 -23.54 -24.77 13.92
CA TYR A 363 -23.70 -23.32 13.78
C TYR A 363 -22.41 -22.55 13.93
N ASP A 364 -21.29 -23.22 14.16
CA ASP A 364 -19.98 -22.57 14.16
C ASP A 364 -19.42 -22.49 12.74
N TRP A 365 -19.21 -23.64 12.12
CA TRP A 365 -18.74 -23.66 10.75
C TRP A 365 -19.64 -22.85 9.82
N LEU A 366 -20.92 -22.66 10.17
CA LEU A 366 -21.81 -21.92 9.29
C LEU A 366 -21.67 -20.41 9.49
N LEU A 367 -21.75 -19.95 10.74
CA LEU A 367 -21.46 -18.54 11.00
C LEU A 367 -20.05 -18.17 10.54
N ALA A 368 -19.13 -19.14 10.50
CA ALA A 368 -17.81 -18.88 9.95
C ALA A 368 -17.89 -18.56 8.47
N LYS A 369 -18.76 -19.26 7.76
CA LYS A 369 -18.93 -19.04 6.33
C LYS A 369 -19.74 -17.79 6.04
N ILE A 370 -20.66 -17.43 6.92
CA ILE A 370 -21.41 -16.19 6.73
C ILE A 370 -20.46 -14.99 6.77
N TRP A 371 -19.46 -15.02 7.66
CA TRP A 371 -18.52 -13.91 7.72
C TRP A 371 -17.67 -13.84 6.45
N VAL A 372 -17.24 -14.99 5.94
CA VAL A 372 -16.47 -14.98 4.70
C VAL A 372 -17.32 -14.44 3.56
N ARG A 373 -18.59 -14.84 3.50
CA ARG A 373 -19.49 -14.25 2.52
C ARG A 373 -19.56 -12.74 2.68
N SER A 374 -19.88 -12.27 3.89
CA SER A 374 -19.93 -10.84 4.17
C SER A 374 -18.70 -10.13 3.62
N SER A 375 -17.52 -10.64 3.95
CA SER A 375 -16.30 -9.97 3.54
C SER A 375 -16.15 -9.98 2.02
N ASP A 376 -16.34 -11.14 1.40
CA ASP A 376 -16.26 -11.21 -0.05
C ASP A 376 -17.20 -10.22 -0.73
N PHE A 377 -18.27 -9.81 -0.06
CA PHE A 377 -19.24 -8.92 -0.69
C PHE A 377 -18.75 -7.47 -0.70
N HIS A 378 -18.04 -7.06 0.34
CA HIS A 378 -17.50 -5.70 0.38
C HIS A 378 -16.35 -5.56 -0.61
N VAL A 379 -15.38 -6.47 -0.56
CA VAL A 379 -14.31 -6.46 -1.54
C VAL A 379 -14.89 -6.50 -2.94
N HIS A 380 -15.91 -7.29 -3.16
CA HIS A 380 -16.53 -7.33 -4.46
C HIS A 380 -17.01 -5.95 -4.87
N GLN A 381 -18.01 -5.42 -4.16
CA GLN A 381 -18.62 -4.15 -4.53
C GLN A 381 -17.59 -3.04 -4.61
N THR A 382 -16.86 -2.81 -3.53
CA THR A 382 -15.87 -1.73 -3.52
C THR A 382 -14.76 -1.94 -4.55
N ILE A 383 -13.94 -2.96 -4.36
CA ILE A 383 -12.71 -3.14 -5.14
C ILE A 383 -13.01 -3.77 -6.50
N THR A 384 -13.39 -5.04 -6.48
CA THR A 384 -13.64 -5.79 -7.70
C THR A 384 -14.61 -5.04 -8.62
N HIS A 385 -15.63 -4.41 -8.06
CA HIS A 385 -16.66 -3.79 -8.88
C HIS A 385 -16.38 -2.31 -9.14
N LEU A 386 -16.50 -1.50 -8.10
CA LEU A 386 -16.41 -0.05 -8.25
C LEU A 386 -15.02 0.38 -8.75
N LEU A 387 -13.96 -0.01 -8.03
CA LEU A 387 -12.63 0.50 -8.35
C LEU A 387 -12.09 -0.08 -9.65
N ARG A 388 -12.05 -1.41 -9.76
CA ARG A 388 -11.34 -2.03 -10.87
C ARG A 388 -12.18 -2.11 -12.15
N THR A 389 -13.39 -1.56 -12.18
CA THR A 389 -14.12 -1.48 -13.44
C THR A 389 -14.66 -0.07 -13.67
N HIS A 390 -15.55 0.40 -12.80
CA HIS A 390 -16.14 1.72 -12.99
C HIS A 390 -15.07 2.80 -13.01
N LEU A 391 -14.30 2.90 -11.94
CA LEU A 391 -13.31 3.96 -11.85
C LEU A 391 -12.24 3.82 -12.91
N VAL A 392 -11.88 2.59 -13.27
CA VAL A 392 -10.85 2.38 -14.27
C VAL A 392 -11.35 2.77 -15.66
N SER A 393 -12.60 2.44 -15.98
CA SER A 393 -13.14 2.82 -17.28
C SER A 393 -13.27 4.33 -17.41
N GLU A 394 -13.82 4.98 -16.38
CA GLU A 394 -13.92 6.43 -16.39
C GLU A 394 -12.56 7.07 -16.67
N VAL A 395 -11.49 6.49 -16.14
CA VAL A 395 -10.15 7.00 -16.39
C VAL A 395 -9.85 6.96 -17.89
N PHE A 396 -9.95 5.77 -18.50
CA PHE A 396 -9.77 5.68 -19.94
C PHE A 396 -10.73 6.60 -20.67
N GLY A 397 -11.94 6.75 -20.13
CA GLY A 397 -12.96 7.56 -20.75
C GLY A 397 -12.54 9.00 -20.88
N ILE A 398 -12.14 9.62 -19.77
CA ILE A 398 -11.78 11.03 -19.78
C ILE A 398 -10.53 11.25 -20.63
N ALA A 399 -9.51 10.42 -20.42
CA ALA A 399 -8.32 10.49 -21.26
C ALA A 399 -8.68 10.51 -22.74
N MET A 400 -9.60 9.63 -23.13
CA MET A 400 -9.99 9.55 -24.54
C MET A 400 -10.54 10.88 -25.04
N TYR A 401 -11.46 11.48 -24.26
CA TYR A 401 -12.06 12.73 -24.68
C TYR A 401 -11.05 13.86 -24.71
N ARG A 402 -10.12 13.89 -23.74
CA ARG A 402 -9.18 15.00 -23.67
C ARG A 402 -8.19 14.96 -24.83
N GLN A 403 -7.73 13.78 -25.21
CA GLN A 403 -6.57 13.71 -26.09
C GLN A 403 -6.85 13.22 -27.50
N LEU A 404 -7.99 12.58 -27.76
CA LEU A 404 -8.22 12.02 -29.09
C LEU A 404 -9.35 12.77 -29.79
N PRO A 405 -9.06 13.53 -30.85
CA PRO A 405 -10.14 14.17 -31.61
C PRO A 405 -11.06 13.12 -32.21
N ALA A 406 -12.29 13.56 -32.53
CA ALA A 406 -13.32 12.62 -32.96
C ALA A 406 -12.92 11.88 -34.22
N VAL A 407 -12.05 12.47 -35.05
CA VAL A 407 -11.67 11.81 -36.29
C VAL A 407 -10.63 10.72 -36.08
N HIS A 408 -10.15 10.55 -34.87
CA HIS A 408 -9.05 9.62 -34.62
C HIS A 408 -9.57 8.19 -34.56
N PRO A 409 -8.88 7.24 -35.20
CA PRO A 409 -9.39 5.86 -35.23
C PRO A 409 -9.54 5.25 -33.84
N ILE A 410 -8.66 5.59 -32.91
CA ILE A 410 -8.78 5.02 -31.58
C ILE A 410 -9.99 5.60 -30.85
N PHE A 411 -10.27 6.89 -31.05
CA PHE A 411 -11.53 7.43 -30.55
C PHE A 411 -12.72 6.64 -31.09
N LYS A 412 -12.85 6.56 -32.42
CA LYS A 412 -14.03 5.91 -32.99
C LYS A 412 -14.26 4.53 -32.40
N LEU A 413 -13.18 3.87 -31.96
CA LEU A 413 -13.26 2.51 -31.43
C LEU A 413 -13.71 2.49 -29.98
N LEU A 414 -13.05 3.27 -29.12
CA LEU A 414 -13.36 3.30 -27.70
C LEU A 414 -14.58 4.13 -27.34
N VAL A 415 -15.02 5.04 -28.20
CA VAL A 415 -16.09 5.94 -27.77
C VAL A 415 -17.35 5.15 -27.42
N ALA A 416 -17.51 3.96 -28.00
CA ALA A 416 -18.68 3.15 -27.72
C ALA A 416 -18.56 2.34 -26.43
N HIS A 417 -17.34 2.10 -25.96
CA HIS A 417 -17.10 1.34 -24.74
C HIS A 417 -16.94 2.22 -23.51
N VAL A 418 -16.90 3.54 -23.67
CA VAL A 418 -16.94 4.47 -22.54
C VAL A 418 -18.31 5.10 -22.41
N ARG A 419 -19.28 4.65 -23.20
CA ARG A 419 -20.58 5.32 -23.25
C ARG A 419 -21.26 5.22 -21.90
N PHE A 420 -21.61 6.37 -21.32
CA PHE A 420 -22.37 6.52 -20.10
C PHE A 420 -21.54 6.22 -18.85
N THR A 421 -20.30 5.77 -18.98
CA THR A 421 -19.51 5.43 -17.81
C THR A 421 -19.30 6.66 -16.93
N ILE A 422 -18.89 7.78 -17.54
CA ILE A 422 -18.67 8.99 -16.76
C ILE A 422 -19.97 9.45 -16.12
N ALA A 423 -21.10 9.32 -16.85
CA ALA A 423 -22.37 9.77 -16.31
C ALA A 423 -22.89 8.84 -15.22
N ILE A 424 -22.75 7.53 -15.43
CA ILE A 424 -23.20 6.58 -14.41
C ILE A 424 -22.41 6.76 -13.12
N ASN A 425 -21.09 6.92 -13.23
CA ASN A 425 -20.26 7.15 -12.04
C ASN A 425 -20.65 8.46 -11.37
N THR A 426 -20.67 9.56 -12.12
CA THR A 426 -21.08 10.84 -11.55
C THR A 426 -22.38 10.69 -10.76
N LYS A 427 -23.34 9.92 -11.29
CA LYS A 427 -24.58 9.70 -10.57
C LYS A 427 -24.34 8.97 -9.25
N ALA A 428 -23.44 7.98 -9.26
CA ALA A 428 -23.17 7.23 -8.05
C ALA A 428 -22.50 8.09 -6.99
N ARG A 429 -21.62 9.00 -7.39
CA ARG A 429 -20.89 9.81 -6.43
C ARG A 429 -21.80 10.80 -5.70
N GLU A 430 -22.71 11.46 -6.42
CA GLU A 430 -23.58 12.44 -5.78
C GLU A 430 -24.58 11.76 -4.82
N GLN A 431 -25.15 10.63 -5.23
CA GLN A 431 -26.17 9.94 -4.43
C GLN A 431 -25.56 9.23 -3.22
N LEU A 432 -24.43 8.55 -3.39
CA LEU A 432 -23.80 7.85 -2.28
C LEU A 432 -23.55 8.78 -1.10
N ILE A 433 -23.02 9.97 -1.37
CA ILE A 433 -22.73 10.95 -0.33
C ILE A 433 -22.82 12.36 -0.89
N GLY A 448 -17.29 5.54 5.29
CA GLY A 448 -15.93 6.03 5.45
C GLY A 448 -14.86 4.94 5.45
N GLY A 449 -15.25 3.74 5.89
CA GLY A 449 -14.32 2.63 5.85
C GLY A 449 -14.08 2.12 4.45
N HIS A 450 -15.05 2.33 3.55
CA HIS A 450 -14.92 1.86 2.17
C HIS A 450 -14.03 2.78 1.34
N VAL A 451 -13.80 4.02 1.78
CA VAL A 451 -12.77 4.86 1.15
C VAL A 451 -11.39 4.36 1.53
N GLN A 452 -11.25 3.79 2.72
CA GLN A 452 -9.96 3.24 3.13
C GLN A 452 -9.57 2.00 2.35
N MET A 453 -10.55 1.26 1.80
CA MET A 453 -10.24 0.10 1.00
C MET A 453 -9.69 0.47 -0.37
N VAL A 454 -10.24 1.54 -0.97
CA VAL A 454 -9.79 1.95 -2.30
C VAL A 454 -8.34 2.41 -2.26
N GLN A 455 -8.01 3.28 -1.29
CA GLN A 455 -6.62 3.73 -1.17
C GLN A 455 -5.67 2.55 -1.10
N ARG A 456 -6.03 1.52 -0.34
CA ARG A 456 -5.18 0.35 -0.23
C ARG A 456 -5.26 -0.51 -1.47
N ALA A 457 -6.46 -0.69 -2.02
CA ALA A 457 -6.57 -1.33 -3.33
C ALA A 457 -5.75 -0.56 -4.37
N MET A 458 -5.64 0.75 -4.21
CA MET A 458 -5.02 1.58 -5.24
C MET A 458 -3.58 1.15 -5.49
N LYS A 459 -2.85 0.81 -4.43
CA LYS A 459 -1.48 0.34 -4.58
C LYS A 459 -1.43 -1.04 -5.20
N ASP A 460 -2.53 -1.77 -5.11
CA ASP A 460 -2.61 -3.09 -5.72
C ASP A 460 -2.93 -3.04 -7.20
N LEU A 461 -3.56 -1.96 -7.67
CA LEU A 461 -4.00 -1.87 -9.05
C LEU A 461 -2.81 -1.73 -10.00
N THR A 462 -2.69 -2.65 -10.94
CA THR A 462 -1.58 -2.62 -11.89
C THR A 462 -2.09 -2.96 -13.29
N TYR A 463 -1.38 -2.44 -14.29
CA TYR A 463 -1.75 -2.71 -15.67
C TYR A 463 -1.67 -4.20 -15.96
N ALA A 464 -0.66 -4.88 -15.40
CA ALA A 464 -0.54 -6.32 -15.57
C ALA A 464 -1.71 -7.06 -14.94
N SER A 465 -2.29 -6.51 -13.87
CA SER A 465 -3.41 -7.14 -13.20
C SER A 465 -4.71 -7.02 -13.99
N LEU A 466 -4.74 -6.19 -15.03
CA LEU A 466 -5.93 -6.02 -15.87
C LEU A 466 -5.84 -6.79 -17.18
N CYS A 467 -4.66 -7.25 -17.55
CA CYS A 467 -4.52 -8.16 -18.70
C CYS A 467 -5.02 -9.54 -18.26
N PHE A 468 -6.20 -9.92 -18.75
CA PHE A 468 -6.92 -11.07 -18.22
C PHE A 468 -6.09 -12.34 -18.16
N PRO A 469 -5.42 -12.75 -19.24
CA PRO A 469 -4.61 -13.98 -19.15
C PRO A 469 -3.63 -13.93 -17.99
N GLU A 470 -2.77 -12.92 -17.95
CA GLU A 470 -1.79 -12.83 -16.87
C GLU A 470 -2.49 -12.82 -15.51
N ALA A 471 -3.56 -12.03 -15.36
CA ALA A 471 -4.23 -11.95 -14.07
C ALA A 471 -4.71 -13.32 -13.61
N ILE A 472 -5.20 -14.14 -14.54
CA ILE A 472 -5.57 -15.51 -14.20
C ILE A 472 -4.33 -16.29 -13.78
N LYS A 473 -3.25 -16.18 -14.55
CA LYS A 473 -2.05 -16.95 -14.27
C LYS A 473 -1.39 -16.53 -12.97
N ALA A 474 -1.38 -15.22 -12.66
CA ALA A 474 -0.78 -14.77 -11.42
C ALA A 474 -1.40 -15.43 -10.22
N ARG A 475 -2.68 -15.76 -10.30
CA ARG A 475 -3.41 -16.39 -9.21
C ARG A 475 -3.28 -17.92 -9.21
N GLY A 476 -2.53 -18.48 -10.15
CA GLY A 476 -2.35 -19.93 -10.17
C GLY A 476 -3.53 -20.72 -10.65
N MET A 477 -4.48 -20.10 -11.34
CA MET A 477 -5.71 -20.76 -11.79
C MET A 477 -5.71 -21.07 -13.28
N GLU A 478 -4.56 -21.01 -13.95
CA GLU A 478 -4.57 -21.14 -15.40
C GLU A 478 -4.93 -22.55 -15.85
N SER A 479 -4.43 -23.58 -15.16
CA SER A 479 -4.58 -24.95 -15.65
C SER A 479 -6.04 -25.39 -15.60
N LYS A 480 -6.59 -25.76 -16.77
CA LYS A 480 -7.93 -26.34 -16.79
C LYS A 480 -7.93 -27.82 -16.42
N GLU A 481 -6.79 -28.50 -16.55
CA GLU A 481 -6.73 -29.90 -16.15
C GLU A 481 -6.73 -30.03 -14.63
N ASP A 482 -6.08 -29.09 -13.93
CA ASP A 482 -6.07 -29.13 -12.48
C ASP A 482 -7.31 -28.47 -11.89
N ILE A 483 -7.76 -27.38 -12.49
CA ILE A 483 -8.90 -26.63 -11.99
C ILE A 483 -9.99 -26.64 -13.05
N PRO A 484 -10.76 -27.73 -13.17
CA PRO A 484 -11.64 -27.86 -14.34
C PRO A 484 -12.89 -26.96 -14.32
N TYR A 485 -13.50 -26.76 -13.16
CA TYR A 485 -14.79 -26.02 -13.12
C TYR A 485 -14.61 -24.53 -12.81
N TYR A 486 -13.91 -23.82 -13.71
CA TYR A 486 -13.68 -22.36 -13.55
C TYR A 486 -14.17 -21.69 -14.83
N PHE A 487 -15.48 -21.53 -14.92
CA PHE A 487 -16.17 -20.93 -16.10
C PHE A 487 -15.78 -19.48 -16.31
N TYR A 488 -15.60 -18.71 -15.22
CA TYR A 488 -15.16 -17.30 -15.36
C TYR A 488 -13.89 -17.29 -16.19
N ARG A 489 -12.89 -18.08 -15.77
CA ARG A 489 -11.64 -18.15 -16.52
C ARG A 489 -11.86 -18.68 -17.93
N ASP A 490 -12.72 -19.69 -18.09
CA ASP A 490 -12.88 -20.32 -19.40
C ASP A 490 -13.55 -19.37 -20.39
N ASP A 491 -14.71 -18.84 -20.02
CA ASP A 491 -15.39 -17.90 -20.90
C ASP A 491 -14.58 -16.60 -21.04
N GLY A 492 -14.01 -16.12 -19.95
CA GLY A 492 -13.23 -14.90 -20.02
C GLY A 492 -12.11 -14.97 -21.04
N LEU A 493 -11.31 -16.04 -20.98
CA LEU A 493 -10.21 -16.16 -21.92
C LEU A 493 -10.70 -16.14 -23.36
N LEU A 494 -11.89 -16.66 -23.63
CA LEU A 494 -12.44 -16.57 -24.98
C LEU A 494 -12.76 -15.13 -25.35
N VAL A 495 -13.61 -14.47 -24.55
CA VAL A 495 -13.98 -13.09 -24.85
C VAL A 495 -12.73 -12.21 -24.94
N TRP A 496 -11.72 -12.49 -24.11
CA TRP A 496 -10.51 -11.69 -24.17
C TRP A 496 -9.88 -11.76 -25.55
N GLU A 497 -9.59 -12.97 -26.03
CA GLU A 497 -8.90 -13.04 -27.30
C GLU A 497 -9.79 -12.72 -28.49
N ALA A 498 -11.11 -12.68 -28.31
CA ALA A 498 -11.96 -12.15 -29.38
C ALA A 498 -11.75 -10.64 -29.53
N ILE A 499 -11.71 -9.92 -28.42
CA ILE A 499 -11.43 -8.50 -28.44
C ILE A 499 -10.00 -8.23 -28.87
N ARG A 500 -9.05 -8.99 -28.33
CA ARG A 500 -7.65 -8.85 -28.73
C ARG A 500 -7.49 -8.95 -30.24
N THR A 501 -8.24 -9.87 -30.87
CA THR A 501 -8.20 -10.03 -32.31
C THR A 501 -8.75 -8.81 -33.02
N PHE A 502 -9.86 -8.26 -32.51
CA PHE A 502 -10.48 -7.08 -33.09
C PHE A 502 -9.51 -5.91 -33.12
N THR A 503 -9.05 -5.49 -31.94
CA THR A 503 -8.17 -4.34 -31.86
C THR A 503 -6.92 -4.55 -32.70
N ALA A 504 -6.36 -5.75 -32.70
CA ALA A 504 -5.16 -5.98 -33.51
C ALA A 504 -5.44 -5.66 -34.98
N GLU A 505 -6.56 -6.17 -35.49
CA GLU A 505 -6.99 -5.89 -36.84
C GLU A 505 -7.15 -4.39 -37.06
N VAL A 506 -7.94 -3.73 -36.20
CA VAL A 506 -8.21 -2.30 -36.35
C VAL A 506 -6.92 -1.50 -36.26
N VAL A 507 -6.02 -1.90 -35.36
CA VAL A 507 -4.72 -1.24 -35.25
C VAL A 507 -3.96 -1.33 -36.57
N ASP A 508 -4.04 -2.48 -37.24
CA ASP A 508 -3.31 -2.67 -38.50
C ASP A 508 -3.92 -1.84 -39.63
N ILE A 509 -5.24 -1.71 -39.67
CA ILE A 509 -5.90 -0.96 -40.71
C ILE A 509 -5.51 0.52 -40.71
N TYR A 510 -4.93 0.98 -39.60
CA TYR A 510 -4.62 2.42 -39.48
C TYR A 510 -3.16 2.70 -39.12
N TYR A 511 -2.41 1.71 -38.66
CA TYR A 511 -0.99 1.97 -38.34
C TYR A 511 -0.14 1.07 -39.22
N GLU A 512 0.66 1.66 -40.11
CA GLU A 512 1.51 0.90 -41.05
C GLU A 512 2.56 0.09 -40.32
N GLY A 513 3.27 0.70 -39.39
CA GLY A 513 4.36 0.01 -38.70
C GLY A 513 4.50 0.51 -37.29
N ASP A 514 5.36 -0.11 -36.50
CA ASP A 514 5.50 0.33 -35.10
C ASP A 514 5.90 1.80 -35.06
N GLN A 515 6.72 2.26 -36.00
CA GLN A 515 7.12 3.66 -35.98
C GLN A 515 5.91 4.58 -35.92
N VAL A 516 4.86 4.26 -36.68
CA VAL A 516 3.70 5.14 -36.75
C VAL A 516 3.01 5.23 -35.40
N VAL A 517 2.94 4.11 -34.67
CA VAL A 517 2.35 4.16 -33.33
C VAL A 517 3.16 5.07 -32.44
N GLU A 518 4.47 4.84 -32.37
CA GLU A 518 5.31 5.58 -31.43
C GLU A 518 5.21 7.08 -31.64
N GLU A 519 4.90 7.51 -32.87
CA GLU A 519 4.91 8.92 -33.26
C GLU A 519 3.54 9.57 -33.21
N ASP A 520 2.48 8.80 -32.98
CA ASP A 520 1.14 9.37 -32.88
C ASP A 520 1.09 10.31 -31.68
N PRO A 521 1.14 11.62 -31.90
CA PRO A 521 1.26 12.54 -30.76
C PRO A 521 0.06 12.51 -29.85
N GLU A 522 -1.13 12.26 -30.39
CA GLU A 522 -2.35 12.27 -29.60
C GLU A 522 -2.54 10.95 -28.86
N LEU A 523 -2.17 9.84 -29.49
CA LEU A 523 -2.19 8.56 -28.79
C LEU A 523 -1.31 8.60 -27.55
N GLN A 524 -0.12 9.18 -27.68
CA GLN A 524 0.80 9.28 -26.55
C GLN A 524 0.25 10.19 -25.46
N ASP A 525 -0.33 11.32 -25.83
CA ASP A 525 -0.95 12.16 -24.81
C ASP A 525 -2.09 11.43 -24.11
N PHE A 526 -2.76 10.51 -24.82
CA PHE A 526 -3.82 9.72 -24.22
C PHE A 526 -3.26 8.75 -23.18
N VAL A 527 -2.29 7.93 -23.59
CA VAL A 527 -1.62 7.03 -22.65
C VAL A 527 -1.07 7.82 -21.47
N ASN A 528 -0.50 9.00 -21.74
CA ASN A 528 0.21 9.73 -20.69
C ASN A 528 -0.75 10.36 -19.69
N ASP A 529 -1.99 10.62 -20.09
CA ASP A 529 -2.96 11.12 -19.14
C ASP A 529 -3.43 10.00 -18.22
N VAL A 530 -3.70 8.83 -18.79
CA VAL A 530 -4.09 7.68 -18.01
C VAL A 530 -3.06 7.41 -16.92
N TYR A 531 -1.78 7.54 -17.25
CA TYR A 531 -0.72 7.19 -16.32
C TYR A 531 -0.51 8.26 -15.25
N VAL A 532 -0.56 9.52 -15.64
CA VAL A 532 -0.17 10.62 -14.75
C VAL A 532 -1.33 11.10 -13.88
N TYR A 533 -2.52 11.21 -14.46
CA TYR A 533 -3.71 11.69 -13.74
C TYR A 533 -4.60 10.55 -13.28
N GLY A 534 -4.94 9.65 -14.20
CA GLY A 534 -5.69 8.47 -13.85
C GLY A 534 -5.01 7.70 -12.73
N MET A 535 -3.82 7.18 -13.00
CA MET A 535 -3.10 6.39 -12.01
C MET A 535 -2.19 7.22 -11.13
N ARG A 536 -2.43 8.53 -11.05
CA ARG A 536 -1.68 9.43 -10.17
C ARG A 536 -0.17 9.33 -10.45
N GLY A 537 0.20 8.93 -11.65
CA GLY A 537 1.61 8.80 -11.99
C GLY A 537 2.37 7.88 -11.08
N ARG A 538 1.71 6.87 -10.52
CA ARG A 538 2.37 5.95 -9.61
C ARG A 538 3.22 4.98 -10.42
N LYS A 539 4.54 5.02 -10.25
CA LYS A 539 5.43 4.19 -11.08
C LYS A 539 5.11 2.71 -10.96
N SER A 540 4.59 2.28 -9.81
CA SER A 540 4.41 0.85 -9.50
C SER A 540 3.12 0.27 -10.05
N SER A 541 2.35 1.04 -10.80
CA SER A 541 1.09 0.59 -11.42
C SER A 541 1.36 -0.15 -12.71
N GLY A 542 2.55 -0.05 -13.27
CA GLY A 542 2.80 -0.81 -14.49
C GLY A 542 2.11 -0.29 -15.73
N PHE A 543 1.43 0.86 -15.66
CA PHE A 543 0.78 1.40 -16.85
C PHE A 543 1.83 1.97 -17.79
N PRO A 544 1.74 1.71 -19.09
CA PRO A 544 2.74 2.27 -20.02
C PRO A 544 2.76 3.78 -19.95
N LYS A 545 3.96 4.35 -19.87
CA LYS A 545 4.11 5.79 -20.04
C LYS A 545 3.91 6.22 -21.48
N SER A 546 4.09 5.30 -22.42
CA SER A 546 3.93 5.56 -23.84
C SER A 546 3.73 4.23 -24.55
N VAL A 547 3.17 4.29 -25.76
CA VAL A 547 2.90 3.09 -26.56
C VAL A 547 3.74 3.17 -27.83
N LYS A 548 4.59 2.16 -28.04
CA LYS A 548 5.58 2.18 -29.11
C LYS A 548 5.50 0.99 -30.05
N SER A 549 4.39 0.27 -30.08
CA SER A 549 4.28 -0.85 -31.00
C SER A 549 2.82 -1.17 -31.23
N ARG A 550 2.57 -1.87 -32.33
CA ARG A 550 1.21 -2.27 -32.65
C ARG A 550 0.73 -3.38 -31.71
N GLU A 551 1.62 -4.32 -31.39
CA GLU A 551 1.32 -5.32 -30.37
C GLU A 551 0.92 -4.64 -29.06
N GLN A 552 1.74 -3.69 -28.60
CA GLN A 552 1.45 -3.04 -27.33
C GLN A 552 0.18 -2.21 -27.39
N LEU A 553 -0.05 -1.50 -28.51
CA LEU A 553 -1.28 -0.72 -28.64
C LEU A 553 -2.51 -1.62 -28.66
N SER A 554 -2.40 -2.79 -29.30
CA SER A 554 -3.52 -3.72 -29.29
C SER A 554 -3.82 -4.21 -27.88
N GLU A 555 -2.77 -4.52 -27.11
CA GLU A 555 -2.98 -4.95 -25.73
C GLU A 555 -3.60 -3.84 -24.90
N TYR A 556 -3.08 -2.62 -25.03
CA TYR A 556 -3.63 -1.49 -24.29
C TYR A 556 -5.12 -1.34 -24.59
N LEU A 557 -5.50 -1.41 -25.87
CA LEU A 557 -6.90 -1.23 -26.23
C LEU A 557 -7.76 -2.36 -25.71
N THR A 558 -7.26 -3.61 -25.79
CA THR A 558 -8.06 -4.74 -25.30
C THR A 558 -8.33 -4.63 -23.80
N VAL A 559 -7.35 -4.13 -23.04
CA VAL A 559 -7.53 -3.90 -21.61
C VAL A 559 -8.65 -2.89 -21.36
N VAL A 560 -8.80 -1.91 -22.25
CA VAL A 560 -9.82 -0.89 -22.07
C VAL A 560 -11.19 -1.42 -22.45
N ILE A 561 -11.29 -2.07 -23.61
CA ILE A 561 -12.56 -2.63 -24.04
C ILE A 561 -12.98 -3.78 -23.12
N PHE A 562 -12.04 -4.64 -22.73
CA PHE A 562 -12.41 -5.81 -21.94
C PHE A 562 -12.86 -5.43 -20.54
N THR A 563 -12.02 -4.67 -19.82
CA THR A 563 -12.40 -4.22 -18.49
C THR A 563 -13.72 -3.46 -18.49
N ALA A 564 -14.02 -2.76 -19.59
CA ALA A 564 -15.22 -1.91 -19.63
C ALA A 564 -16.47 -2.68 -20.05
N SER A 565 -16.31 -3.90 -20.57
CA SER A 565 -17.46 -4.66 -21.06
C SER A 565 -17.55 -6.00 -20.38
N ALA A 566 -16.71 -6.96 -20.81
CA ALA A 566 -16.78 -8.31 -20.28
C ALA A 566 -16.51 -8.36 -18.78
N GLN A 567 -15.36 -7.80 -18.36
CA GLN A 567 -15.00 -7.84 -16.95
C GLN A 567 -16.11 -7.22 -16.09
N HIS A 568 -16.63 -6.09 -16.54
CA HIS A 568 -17.73 -5.45 -15.76
C HIS A 568 -18.96 -6.35 -15.82
N ALA A 569 -19.24 -6.96 -16.97
CA ALA A 569 -20.45 -7.81 -17.11
C ALA A 569 -20.38 -8.99 -16.14
N ALA A 570 -19.21 -9.61 -16.00
CA ALA A 570 -19.03 -10.78 -15.11
C ALA A 570 -19.25 -10.41 -13.63
N VAL A 571 -18.76 -9.25 -13.20
CA VAL A 571 -18.84 -8.87 -11.76
C VAL A 571 -20.10 -8.07 -11.43
N ASN A 572 -20.80 -7.51 -12.41
CA ASN A 572 -21.97 -6.65 -12.11
C ASN A 572 -23.27 -7.44 -12.25
N PHE A 573 -23.39 -8.23 -13.32
CA PHE A 573 -24.70 -8.90 -13.54
C PHE A 573 -24.98 -10.09 -12.64
N GLY A 574 -24.09 -10.41 -11.71
CA GLY A 574 -24.40 -11.52 -10.81
C GLY A 574 -24.89 -11.04 -9.46
N GLN A 575 -24.93 -9.73 -9.25
CA GLN A 575 -25.27 -9.20 -7.93
C GLN A 575 -26.63 -9.69 -7.44
N TYR A 576 -27.56 -9.96 -8.34
CA TYR A 576 -28.85 -10.46 -7.88
C TYR A 576 -28.90 -11.98 -7.81
N ASP A 577 -28.21 -12.66 -8.71
CA ASP A 577 -28.22 -14.12 -8.67
C ASP A 577 -27.59 -14.66 -7.39
N TRP A 578 -26.62 -13.95 -6.82
CA TRP A 578 -25.86 -14.46 -5.70
C TRP A 578 -25.96 -13.62 -4.44
N ALA A 579 -26.50 -12.40 -4.50
CA ALA A 579 -26.61 -11.56 -3.32
C ALA A 579 -28.04 -11.23 -2.93
N SER A 580 -29.04 -11.79 -3.61
CA SER A 580 -30.42 -11.55 -3.22
C SER A 580 -30.75 -12.22 -1.89
N TRP A 581 -30.28 -13.44 -1.70
CA TRP A 581 -30.51 -14.18 -0.45
C TRP A 581 -29.48 -13.72 0.56
N ILE A 582 -29.94 -12.96 1.56
CA ILE A 582 -28.99 -12.21 2.40
C ILE A 582 -27.95 -13.12 3.06
N PRO A 583 -28.30 -14.27 3.65
CA PRO A 583 -27.27 -15.05 4.35
C PRO A 583 -26.13 -15.50 3.46
N ASN A 584 -26.19 -15.19 2.16
CA ASN A 584 -25.12 -15.59 1.25
C ASN A 584 -24.25 -14.41 0.80
N ALA A 585 -24.61 -13.20 1.18
CA ALA A 585 -23.85 -11.99 0.86
C ALA A 585 -24.29 -10.87 1.80
N PRO A 586 -24.09 -11.02 3.10
CA PRO A 586 -24.55 -10.01 4.05
C PRO A 586 -23.91 -8.67 3.78
N PRO A 587 -24.71 -7.65 3.44
CA PRO A 587 -24.15 -6.30 3.28
C PRO A 587 -23.53 -5.78 4.56
N THR A 588 -24.16 -6.02 5.71
CA THR A 588 -23.58 -5.61 6.98
C THR A 588 -23.78 -6.72 8.01
N MET A 589 -22.89 -6.74 9.00
CA MET A 589 -22.98 -7.67 10.13
C MET A 589 -23.22 -6.88 11.40
N ARG A 590 -24.26 -7.26 12.16
CA ARG A 590 -24.66 -6.51 13.35
C ARG A 590 -23.83 -6.84 14.58
N ALA A 591 -23.29 -8.05 14.67
CA ALA A 591 -22.49 -8.48 15.79
C ALA A 591 -21.05 -8.76 15.37
N PRO A 592 -20.13 -8.81 16.34
CA PRO A 592 -18.71 -9.11 16.06
C PRO A 592 -18.49 -10.59 15.81
N PRO A 593 -17.38 -10.95 15.17
CA PRO A 593 -17.16 -12.36 14.83
C PRO A 593 -16.95 -13.18 16.07
N PRO A 594 -17.37 -14.45 16.07
CA PRO A 594 -17.22 -15.28 17.28
C PRO A 594 -15.76 -15.51 17.61
N THR A 595 -15.44 -15.44 18.90
CA THR A 595 -14.08 -15.66 19.37
C THR A 595 -13.89 -17.02 20.02
N ALA A 596 -14.93 -17.84 20.10
CA ALA A 596 -14.85 -19.11 20.80
C ALA A 596 -15.76 -20.12 20.11
N LYS A 597 -15.44 -21.40 20.29
CA LYS A 597 -16.24 -22.47 19.72
C LYS A 597 -17.25 -23.00 20.74
N GLY A 598 -18.34 -23.56 20.22
CA GLY A 598 -19.40 -24.11 21.04
C GLY A 598 -20.30 -23.09 21.69
N VAL A 599 -20.34 -21.86 21.18
CA VAL A 599 -21.14 -20.78 21.77
C VAL A 599 -22.23 -20.30 20.83
N VAL A 600 -21.91 -20.18 19.53
CA VAL A 600 -22.85 -19.64 18.57
C VAL A 600 -24.14 -20.46 18.55
N THR A 601 -25.27 -19.75 18.51
CA THR A 601 -26.58 -20.36 18.36
C THR A 601 -27.30 -19.72 17.19
N ILE A 602 -28.35 -20.40 16.70
CA ILE A 602 -29.11 -19.87 15.58
C ILE A 602 -29.63 -18.48 15.88
N GLU A 603 -29.95 -18.19 17.14
CA GLU A 603 -30.47 -16.88 17.49
C GLU A 603 -29.48 -15.78 17.16
N GLN A 604 -28.26 -15.90 17.68
CA GLN A 604 -27.27 -14.85 17.43
C GLN A 604 -26.76 -14.84 16.00
N ILE A 605 -27.02 -15.89 15.22
CA ILE A 605 -26.80 -15.77 13.79
C ILE A 605 -27.86 -14.86 13.18
N VAL A 606 -29.11 -15.05 13.56
CA VAL A 606 -30.21 -14.26 13.00
C VAL A 606 -30.02 -12.79 13.34
N ASP A 607 -29.81 -12.48 14.62
CA ASP A 607 -29.64 -11.08 15.01
C ASP A 607 -28.27 -10.53 14.60
N THR A 608 -27.33 -11.41 14.22
CA THR A 608 -26.06 -10.93 13.67
C THR A 608 -26.21 -10.47 12.23
N LEU A 609 -27.18 -11.02 11.51
CA LEU A 609 -27.45 -10.66 10.13
C LEU A 609 -28.14 -9.29 10.10
N PRO A 610 -28.22 -8.68 8.92
CA PRO A 610 -28.70 -7.30 8.82
C PRO A 610 -30.19 -7.17 9.12
N ASP A 611 -30.62 -5.92 9.33
CA ASP A 611 -32.04 -5.59 9.64
C ASP A 611 -32.88 -5.66 8.37
N ARG A 612 -34.20 -5.75 8.51
CA ARG A 612 -35.11 -5.82 7.33
C ARG A 612 -34.98 -4.52 6.52
N GLY A 613 -34.89 -3.38 7.22
CA GLY A 613 -34.78 -2.09 6.51
C GLY A 613 -33.51 -2.08 5.67
N ARG A 614 -32.40 -2.54 6.25
CA ARG A 614 -31.11 -2.63 5.51
C ARG A 614 -31.27 -3.67 4.39
N SER A 615 -31.92 -4.79 4.71
CA SER A 615 -32.13 -5.90 3.75
C SER A 615 -33.00 -5.43 2.58
N CYS A 616 -34.05 -4.66 2.86
CA CYS A 616 -34.93 -4.15 1.79
C CYS A 616 -34.12 -3.30 0.81
N TRP A 617 -33.41 -2.30 1.33
CA TRP A 617 -32.60 -1.44 0.48
C TRP A 617 -31.59 -2.27 -0.31
N HIS A 618 -30.92 -3.21 0.36
CA HIS A 618 -29.95 -4.06 -0.32
C HIS A 618 -30.59 -4.87 -1.44
N LEU A 619 -31.78 -5.42 -1.17
CA LEU A 619 -32.46 -6.23 -2.18
C LEU A 619 -32.81 -5.40 -3.41
N GLY A 620 -33.32 -4.19 -3.20
CA GLY A 620 -33.67 -3.34 -4.33
C GLY A 620 -32.45 -2.94 -5.13
N ALA A 621 -31.36 -2.59 -4.44
CA ALA A 621 -30.16 -2.13 -5.11
C ALA A 621 -29.54 -3.22 -5.98
N VAL A 622 -29.45 -4.45 -5.46
CA VAL A 622 -28.84 -5.54 -6.23
C VAL A 622 -29.73 -5.96 -7.39
N TRP A 623 -31.05 -5.81 -7.26
CA TRP A 623 -31.93 -6.18 -8.36
C TRP A 623 -31.89 -5.14 -9.47
N ALA A 624 -31.79 -3.86 -9.11
CA ALA A 624 -31.79 -2.80 -10.12
C ALA A 624 -30.48 -2.79 -10.90
N LEU A 625 -29.37 -3.06 -10.22
CA LEU A 625 -28.07 -3.07 -10.86
C LEU A 625 -27.83 -4.32 -11.71
N SER A 626 -28.78 -5.26 -11.75
CA SER A 626 -28.64 -6.47 -12.54
C SER A 626 -29.64 -6.51 -13.69
N GLN A 627 -30.16 -5.36 -14.11
CA GLN A 627 -31.18 -5.29 -15.15
C GLN A 627 -30.60 -4.65 -16.40
N PHE A 628 -30.72 -5.37 -17.52
CA PHE A 628 -30.34 -4.81 -18.81
C PHE A 628 -31.47 -3.92 -19.33
N GLN A 629 -31.12 -2.69 -19.71
CA GLN A 629 -32.10 -1.80 -20.31
C GLN A 629 -32.65 -2.42 -21.61
N GLU A 630 -33.77 -1.85 -22.09
CA GLU A 630 -34.37 -2.32 -23.33
C GLU A 630 -33.60 -1.84 -24.57
N ASN A 631 -32.91 -0.71 -24.46
CA ASN A 631 -32.01 -0.24 -25.52
C ASN A 631 -30.61 -0.80 -25.37
N GLU A 632 -30.44 -1.86 -24.57
CA GLU A 632 -29.10 -2.32 -24.20
C GLU A 632 -28.29 -2.68 -25.44
N LEU A 633 -27.12 -2.06 -25.58
CA LEU A 633 -26.21 -2.34 -26.68
C LEU A 633 -25.16 -3.33 -26.19
N PHE A 634 -25.21 -4.56 -26.72
CA PHE A 634 -24.30 -5.60 -26.27
C PHE A 634 -23.02 -5.59 -27.11
N LEU A 635 -22.03 -6.32 -26.62
CA LEU A 635 -20.69 -6.32 -27.19
C LEU A 635 -20.74 -6.50 -28.71
N GLY A 636 -20.11 -5.57 -29.42
CA GLY A 636 -20.06 -5.60 -30.88
C GLY A 636 -21.23 -4.94 -31.58
N MET A 637 -22.14 -4.32 -30.86
CA MET A 637 -23.25 -3.57 -31.46
C MET A 637 -22.82 -2.14 -31.61
N TYR A 638 -22.49 -1.73 -32.83
CA TYR A 638 -22.08 -0.36 -33.08
C TYR A 638 -23.10 0.30 -33.98
N PRO A 639 -24.28 0.63 -33.45
CA PRO A 639 -25.30 1.27 -34.29
C PRO A 639 -24.92 2.68 -34.69
N GLU A 640 -24.11 3.35 -33.88
CA GLU A 640 -23.60 4.68 -34.21
C GLU A 640 -22.34 4.51 -35.04
N GLU A 641 -22.43 4.87 -36.32
CA GLU A 641 -21.36 4.64 -37.28
C GLU A 641 -20.39 5.81 -37.24
N HIS A 642 -19.48 5.75 -36.26
CA HIS A 642 -18.28 6.58 -36.28
C HIS A 642 -17.29 6.08 -37.34
N PHE A 643 -17.16 4.76 -37.46
CA PHE A 643 -16.43 4.17 -38.58
C PHE A 643 -17.35 4.07 -39.79
N ILE A 644 -16.86 4.49 -40.96
CA ILE A 644 -17.61 4.35 -42.19
C ILE A 644 -16.86 3.59 -43.27
N GLU A 645 -15.54 3.45 -43.17
CA GLU A 645 -14.77 2.74 -44.17
C GLU A 645 -15.01 1.23 -44.12
N LYS A 646 -14.87 0.57 -45.27
CA LYS A 646 -15.15 -0.87 -45.40
C LYS A 646 -14.14 -1.72 -44.64
N PRO A 647 -12.84 -1.45 -44.73
CA PRO A 647 -11.87 -2.27 -43.99
C PRO A 647 -12.23 -2.44 -42.52
N VAL A 648 -12.68 -1.38 -41.85
CA VAL A 648 -12.95 -1.48 -40.42
C VAL A 648 -14.33 -2.09 -40.17
N LYS A 649 -15.30 -1.83 -41.05
CA LYS A 649 -16.59 -2.50 -40.95
C LYS A 649 -16.45 -4.02 -41.09
N GLU A 650 -15.67 -4.46 -42.08
CA GLU A 650 -15.40 -5.89 -42.23
C GLU A 650 -14.79 -6.46 -40.96
N ALA A 651 -13.79 -5.77 -40.41
CA ALA A 651 -13.21 -6.23 -39.16
C ALA A 651 -14.26 -6.27 -38.07
N MET A 652 -15.20 -5.34 -38.09
CA MET A 652 -16.31 -5.44 -37.15
C MET A 652 -17.16 -6.67 -37.41
N ALA A 653 -17.41 -6.95 -38.70
CA ALA A 653 -18.18 -8.14 -39.05
C ALA A 653 -17.53 -9.39 -38.47
N ARG A 654 -16.24 -9.60 -38.76
CA ARG A 654 -15.57 -10.75 -38.20
C ARG A 654 -15.72 -10.78 -36.68
N PHE A 655 -15.57 -9.63 -36.04
CA PHE A 655 -15.70 -9.58 -34.59
C PHE A 655 -17.04 -10.10 -34.15
N ARG A 656 -18.11 -9.66 -34.82
CA ARG A 656 -19.45 -10.09 -34.45
C ARG A 656 -19.62 -11.59 -34.65
N LYS A 657 -19.26 -12.10 -35.84
CA LYS A 657 -19.35 -13.53 -36.07
C LYS A 657 -18.56 -14.30 -35.02
N ASN A 658 -17.35 -13.82 -34.71
CA ASN A 658 -16.51 -14.50 -33.73
C ASN A 658 -17.16 -14.50 -32.35
N LEU A 659 -17.90 -13.45 -32.00
CA LEU A 659 -18.65 -13.47 -30.75
C LEU A 659 -19.80 -14.47 -30.83
N GLU A 660 -20.45 -14.56 -31.98
CA GLU A 660 -21.55 -15.52 -32.12
C GLU A 660 -21.07 -16.94 -31.92
N ALA A 661 -19.81 -17.23 -32.26
CA ALA A 661 -19.29 -18.56 -31.99
C ALA A 661 -19.13 -18.80 -30.50
N ILE A 662 -18.67 -17.79 -29.77
CA ILE A 662 -18.50 -17.96 -28.33
C ILE A 662 -19.85 -18.11 -27.64
N VAL A 663 -20.88 -17.42 -28.13
CA VAL A 663 -22.22 -17.57 -27.53
C VAL A 663 -22.69 -19.02 -27.69
N SER A 664 -22.44 -19.62 -28.86
CA SER A 664 -22.85 -21.00 -29.07
C SER A 664 -22.11 -21.94 -28.12
N VAL A 665 -20.79 -21.84 -28.08
CA VAL A 665 -19.98 -22.70 -27.22
C VAL A 665 -20.42 -22.56 -25.77
N ILE A 666 -20.54 -21.32 -25.29
CA ILE A 666 -20.99 -21.10 -23.92
C ILE A 666 -22.38 -21.66 -23.72
N ALA A 667 -23.20 -21.66 -24.78
CA ALA A 667 -24.56 -22.21 -24.67
C ALA A 667 -24.52 -23.72 -24.44
N GLU A 668 -23.76 -24.44 -25.26
CA GLU A 668 -23.71 -25.90 -25.13
C GLU A 668 -23.08 -26.32 -23.80
N ARG A 669 -22.04 -25.62 -23.37
CA ARG A 669 -21.42 -25.93 -22.09
C ARG A 669 -22.43 -25.82 -20.95
N ASN A 670 -23.15 -24.69 -20.89
CA ASN A 670 -24.17 -24.51 -19.88
C ASN A 670 -25.32 -25.50 -20.01
N GLU A 671 -25.35 -26.30 -21.07
CA GLU A 671 -26.36 -27.33 -21.20
C GLU A 671 -26.10 -28.48 -20.23
N ASN A 672 -24.85 -28.91 -20.18
CA ASN A 672 -24.46 -30.02 -19.29
C ASN A 672 -23.91 -29.48 -17.97
N LEU A 673 -24.48 -28.42 -17.42
CA LEU A 673 -23.98 -27.86 -16.14
C LEU A 673 -25.07 -27.94 -15.09
N GLN A 674 -24.65 -28.13 -13.85
CA GLN A 674 -25.53 -28.25 -12.68
C GLN A 674 -26.40 -26.99 -12.61
N LEU A 675 -25.72 -25.86 -12.51
CA LEU A 675 -26.22 -24.48 -12.35
C LEU A 675 -25.31 -23.68 -13.25
N PRO A 676 -25.76 -23.15 -14.58
CA PRO A 676 -25.07 -22.53 -15.72
C PRO A 676 -24.43 -21.20 -15.35
N TYR A 677 -23.27 -20.95 -15.94
CA TYR A 677 -22.59 -19.66 -15.85
C TYR A 677 -22.76 -18.97 -17.20
N TYR A 678 -23.42 -17.81 -17.21
CA TYR A 678 -23.70 -17.11 -18.46
C TYR A 678 -23.32 -15.64 -18.48
N TYR A 679 -22.74 -15.11 -17.39
CA TYR A 679 -22.46 -13.68 -17.32
C TYR A 679 -21.48 -13.21 -18.40
N LEU A 680 -20.66 -14.12 -18.94
CA LEU A 680 -19.67 -13.75 -19.95
C LEU A 680 -20.06 -14.24 -21.34
N SER A 681 -21.36 -14.45 -21.56
CA SER A 681 -21.82 -14.70 -22.92
C SER A 681 -21.93 -13.38 -23.67
N PRO A 682 -21.35 -13.28 -24.86
CA PRO A 682 -21.29 -11.97 -25.54
C PRO A 682 -22.63 -11.31 -25.80
N ASP A 683 -23.70 -12.09 -25.97
CA ASP A 683 -25.03 -11.49 -26.12
C ASP A 683 -25.62 -11.06 -24.79
N ARG A 684 -24.86 -11.19 -23.70
CA ARG A 684 -25.26 -10.67 -22.40
C ARG A 684 -24.16 -9.79 -21.81
N ILE A 685 -23.24 -9.32 -22.64
CA ILE A 685 -22.13 -8.48 -22.22
C ILE A 685 -22.32 -7.07 -22.77
N PRO A 686 -22.76 -6.11 -21.97
CA PRO A 686 -22.97 -4.75 -22.47
C PRO A 686 -21.71 -4.16 -23.11
N ASN A 687 -21.92 -3.11 -23.90
CA ASN A 687 -20.80 -2.45 -24.57
C ASN A 687 -19.93 -1.68 -23.60
N SER A 688 -20.51 -1.22 -22.50
CA SER A 688 -19.82 -0.28 -21.63
C SER A 688 -20.25 -0.51 -20.20
N VAL A 689 -19.59 0.23 -19.31
CA VAL A 689 -19.96 0.28 -17.91
C VAL A 689 -21.07 1.30 -17.77
N ALA A 690 -22.32 0.85 -17.90
CA ALA A 690 -23.47 1.74 -17.88
C ALA A 690 -24.39 1.55 -16.68
N ILE A 691 -24.21 0.51 -15.87
CA ILE A 691 -25.11 0.28 -14.75
C ILE A 691 -24.37 -0.43 -13.62
N PRO B 22 30.62 -27.95 55.94
CA PRO B 22 29.31 -27.50 55.47
C PRO B 22 29.16 -25.98 55.43
N SER B 23 30.02 -25.23 54.73
CA SER B 23 29.94 -23.76 54.74
C SER B 23 29.70 -23.20 53.33
N TYR B 24 28.59 -22.48 53.16
CA TYR B 24 28.25 -21.85 51.89
C TYR B 24 28.32 -20.34 52.03
N THR B 25 28.90 -19.67 51.03
CA THR B 25 28.99 -18.21 51.02
C THR B 25 28.11 -17.68 49.90
N VAL B 26 27.04 -16.97 50.29
CA VAL B 26 26.03 -16.46 49.37
C VAL B 26 26.14 -14.94 49.35
N THR B 27 26.48 -14.37 48.19
CA THR B 27 26.60 -12.93 48.02
C THR B 27 25.44 -12.41 47.17
N VAL B 28 24.80 -11.35 47.64
CA VAL B 28 23.60 -10.80 47.02
C VAL B 28 23.84 -9.32 46.77
N ALA B 29 23.99 -8.94 45.50
CA ALA B 29 24.31 -7.57 45.12
C ALA B 29 23.05 -6.84 44.66
N THR B 30 22.76 -5.71 45.28
CA THR B 30 21.52 -5.00 45.06
C THR B 30 21.72 -3.88 44.04
N GLY B 31 20.68 -3.62 43.26
CA GLY B 31 20.78 -2.67 42.17
C GLY B 31 21.15 -1.26 42.62
N SER B 32 21.52 -0.42 41.66
CA SER B 32 21.99 0.95 41.96
C SER B 32 20.94 2.01 41.67
N GLN B 33 19.71 1.62 41.35
CA GLN B 33 18.62 2.60 41.09
C GLN B 33 18.14 3.21 42.40
N GLU B 34 17.43 4.32 42.30
CA GLU B 34 16.92 5.01 43.51
C GLU B 34 15.99 4.10 44.30
N HIS B 35 15.15 3.32 43.64
CA HIS B 35 14.20 2.48 44.42
C HIS B 35 14.55 1.00 44.42
N ALA B 36 15.81 0.65 44.26
CA ALA B 36 16.25 -0.75 44.23
C ALA B 36 16.35 -1.38 45.61
N GLY B 37 16.32 -0.60 46.68
CA GLY B 37 16.37 -1.17 48.01
C GLY B 37 15.02 -1.68 48.50
N THR B 38 15.05 -2.45 49.59
CA THR B 38 13.84 -3.01 50.17
C THR B 38 14.10 -3.40 51.62
N ASP B 39 13.05 -3.34 52.43
CA ASP B 39 13.11 -3.77 53.82
C ASP B 39 12.33 -5.05 54.06
N ASP B 40 11.82 -5.67 53.00
CA ASP B 40 11.03 -6.88 53.12
C ASP B 40 11.90 -8.08 53.50
N TYR B 41 11.24 -9.11 54.03
CA TYR B 41 11.93 -10.35 54.33
C TYR B 41 12.42 -10.98 53.04
N ILE B 42 13.65 -11.48 53.05
CA ILE B 42 14.21 -12.17 51.89
C ILE B 42 14.48 -13.61 52.27
N TYR B 43 13.90 -14.54 51.52
CA TYR B 43 14.16 -15.96 51.71
C TYR B 43 14.93 -16.45 50.50
N LEU B 44 15.94 -17.27 50.76
CA LEU B 44 16.78 -17.80 49.70
C LEU B 44 17.02 -19.28 49.94
N SER B 45 16.93 -20.08 48.88
CA SER B 45 17.17 -21.51 48.96
C SER B 45 17.95 -21.96 47.74
N LEU B 46 18.83 -22.93 47.93
CA LEU B 46 19.62 -23.52 46.86
C LEU B 46 18.98 -24.84 46.42
N VAL B 47 19.28 -25.24 45.20
CA VAL B 47 18.69 -26.44 44.61
C VAL B 47 19.80 -27.22 43.92
N GLY B 48 20.31 -28.24 44.58
CA GLY B 48 21.32 -29.10 44.01
C GLY B 48 20.69 -30.31 43.35
N SER B 49 21.49 -30.97 42.50
CA SER B 49 21.02 -32.20 41.86
C SER B 49 20.77 -33.31 42.88
N ALA B 50 21.32 -33.18 44.09
CA ALA B 50 21.10 -34.18 45.14
C ALA B 50 19.92 -33.84 46.06
N GLY B 51 19.29 -32.70 45.87
CA GLY B 51 18.20 -32.27 46.73
C GLY B 51 18.33 -30.78 47.04
N CYS B 52 17.20 -30.18 47.44
CA CYS B 52 17.16 -28.75 47.71
CA CYS B 52 17.14 -28.75 47.72
C CYS B 52 17.73 -28.48 49.11
N SER B 53 17.46 -27.29 49.63
CA SER B 53 17.87 -26.91 50.98
C SER B 53 16.75 -26.08 51.59
N GLU B 54 16.80 -25.91 52.91
CA GLU B 54 15.76 -25.16 53.61
C GLU B 54 15.75 -23.72 53.13
N LYS B 55 14.73 -22.99 53.52
CA LYS B 55 14.60 -21.59 53.17
C LYS B 55 15.24 -20.76 54.28
N HIS B 56 16.43 -20.23 54.03
CA HIS B 56 17.08 -19.39 55.01
C HIS B 56 16.50 -17.98 54.93
N LEU B 57 16.55 -17.27 56.05
CA LEU B 57 16.03 -15.91 56.15
C LEU B 57 17.20 -14.96 56.35
N LEU B 58 17.27 -13.92 55.53
CA LEU B 58 18.39 -12.99 55.57
C LEU B 58 18.04 -11.73 56.35
N SER B 62 18.38 -4.73 56.19
CA SER B 62 17.66 -4.22 55.03
C SER B 62 18.60 -3.89 53.86
N PHE B 63 18.46 -4.62 52.76
CA PHE B 63 19.23 -4.33 51.56
C PHE B 63 18.92 -2.92 51.08
N GLU B 64 19.95 -2.15 50.78
CA GLU B 64 19.76 -0.78 50.35
C GLU B 64 20.47 -0.54 49.02
N ARG B 65 19.98 0.46 48.28
CA ARG B 65 20.52 0.78 46.96
C ARG B 65 22.04 0.80 46.99
N GLY B 66 22.63 -0.04 46.14
CA GLY B 66 24.06 -0.15 46.03
C GLY B 66 24.76 -1.06 47.02
N ALA B 67 24.02 -1.88 47.76
CA ALA B 67 24.61 -2.72 48.79
C ALA B 67 25.08 -4.05 48.19
N VAL B 68 25.85 -4.79 48.99
CA VAL B 68 26.31 -6.12 48.61
C VAL B 68 26.35 -6.97 49.88
N ASP B 69 25.26 -7.67 50.16
CA ASP B 69 25.16 -8.50 51.35
C ASP B 69 25.70 -9.90 51.08
N SER B 70 26.49 -10.41 52.02
CA SER B 70 26.99 -11.77 51.95
C SER B 70 26.74 -12.49 53.27
N TYR B 71 26.42 -13.77 53.17
CA TYR B 71 26.10 -14.60 54.33
C TYR B 71 26.88 -15.90 54.25
N ASP B 72 27.04 -16.54 55.42
CA ASP B 72 27.59 -17.88 55.53
C ASP B 72 26.42 -18.82 55.83
N VAL B 73 25.95 -19.52 54.82
CA VAL B 73 24.87 -20.48 54.98
C VAL B 73 25.49 -21.86 55.18
N THR B 74 24.87 -22.64 56.06
CA THR B 74 25.32 -23.99 56.39
C THR B 74 24.10 -24.90 56.37
N VAL B 75 24.05 -25.82 55.42
CA VAL B 75 22.90 -26.69 55.23
C VAL B 75 23.15 -28.02 55.92
N ASP B 76 22.06 -28.71 56.23
CA ASP B 76 22.09 -30.01 56.91
C ASP B 76 22.20 -31.18 55.95
N GLU B 77 22.35 -30.93 54.65
CA GLU B 77 22.44 -31.97 53.64
C GLU B 77 23.62 -31.69 52.70
N GLU B 78 24.02 -32.71 51.95
CA GLU B 78 25.01 -32.57 50.89
C GLU B 78 24.28 -32.21 49.61
N LEU B 79 24.28 -30.92 49.26
CA LEU B 79 23.44 -30.44 48.17
C LEU B 79 23.89 -30.99 46.81
N GLY B 80 25.18 -31.23 46.64
CA GLY B 80 25.69 -31.61 45.34
C GLY B 80 26.16 -30.38 44.58
N GLU B 81 25.94 -30.36 43.27
CA GLU B 81 26.20 -29.16 42.48
C GLU B 81 24.95 -28.30 42.44
N ILE B 82 25.12 -27.01 42.67
CA ILE B 82 23.99 -26.10 42.71
C ILE B 82 23.46 -25.88 41.30
N GLN B 83 22.18 -26.17 41.09
CA GLN B 83 21.52 -25.96 39.80
C GLN B 83 20.72 -24.66 39.73
N LEU B 84 19.97 -24.33 40.77
CA LEU B 84 19.11 -23.16 40.79
C LEU B 84 19.18 -22.48 42.14
N VAL B 85 18.85 -21.20 42.15
CA VAL B 85 18.72 -20.40 43.37
C VAL B 85 17.31 -19.84 43.40
N ARG B 86 16.58 -20.10 44.49
CA ARG B 86 15.23 -19.60 44.65
C ARG B 86 15.24 -18.39 45.59
N ILE B 87 14.48 -17.37 45.21
CA ILE B 87 14.35 -16.16 46.01
C ILE B 87 12.86 -15.88 46.21
N GLU B 88 12.50 -15.53 47.44
CA GLU B 88 11.14 -15.11 47.75
C GLU B 88 11.20 -13.90 48.68
N LYS B 89 10.33 -12.93 48.42
CA LYS B 89 10.26 -11.71 49.21
C LYS B 89 8.91 -11.65 49.92
N ARG B 90 8.92 -11.63 51.25
CA ARG B 90 7.70 -11.53 52.05
C ARG B 90 7.60 -10.15 52.67
N LYS B 91 6.40 -9.56 52.55
CA LYS B 91 6.18 -8.18 52.95
C LYS B 91 6.43 -7.97 54.44
N TYR B 92 7.17 -6.91 54.76
CA TYR B 92 7.36 -6.43 56.13
C TYR B 92 6.98 -4.96 56.13
N GLY B 93 6.01 -4.59 56.94
CA GLY B 93 5.44 -3.26 56.84
C GLY B 93 4.93 -3.04 55.43
N SER B 94 5.28 -1.91 54.83
CA SER B 94 4.96 -1.70 53.43
C SER B 94 5.84 -2.58 52.57
N ASN B 95 5.25 -3.19 51.54
CA ASN B 95 6.00 -4.03 50.63
C ASN B 95 6.38 -3.19 49.41
N ASP B 96 7.67 -3.13 49.12
CA ASP B 96 8.13 -2.41 47.94
C ASP B 96 9.12 -3.26 47.15
N ASP B 97 9.28 -2.89 45.88
CA ASP B 97 10.05 -3.69 44.95
C ASP B 97 11.55 -3.63 45.25
N TRP B 98 12.24 -4.71 44.90
CA TRP B 98 13.67 -4.88 45.16
C TRP B 98 14.37 -5.29 43.88
N TYR B 99 15.43 -4.58 43.50
CA TYR B 99 16.16 -4.87 42.27
C TYR B 99 17.39 -5.69 42.59
N LEU B 100 17.45 -6.92 42.06
CA LEU B 100 18.52 -7.86 42.36
C LEU B 100 19.43 -8.00 41.14
N LYS B 101 20.67 -7.53 41.25
CA LYS B 101 21.60 -7.64 40.13
C LYS B 101 22.00 -9.10 39.93
N TYR B 102 22.76 -9.65 40.88
CA TYR B 102 23.28 -11.01 40.79
C TYR B 102 23.36 -11.62 42.18
N ILE B 103 23.75 -12.90 42.22
CA ILE B 103 23.95 -13.69 43.43
C ILE B 103 25.06 -14.68 43.15
N THR B 104 26.13 -14.65 43.93
CA THR B 104 27.25 -15.58 43.73
C THR B 104 27.38 -16.52 44.91
N LEU B 105 27.84 -17.75 44.62
CA LEU B 105 28.00 -18.79 45.62
C LEU B 105 29.45 -19.24 45.70
N LYS B 106 29.94 -19.37 46.92
CA LYS B 106 31.21 -20.05 47.21
C LYS B 106 30.85 -21.27 48.05
N THR B 107 30.92 -22.46 47.46
CA THR B 107 30.41 -23.68 48.08
C THR B 107 31.48 -24.32 48.95
N PRO B 108 31.10 -25.37 49.70
CA PRO B 108 32.10 -26.02 50.57
C PRO B 108 33.27 -26.60 49.80
N HIS B 109 33.03 -27.15 48.61
CA HIS B 109 34.11 -27.78 47.84
C HIS B 109 35.03 -26.76 47.19
N GLY B 110 34.71 -25.47 47.26
CA GLY B 110 35.56 -24.41 46.79
C GLY B 110 35.19 -23.79 45.46
N ASP B 111 34.19 -24.34 44.77
CA ASP B 111 33.82 -23.80 43.46
C ASP B 111 33.04 -22.49 43.63
N TYR B 112 33.05 -21.69 42.56
CA TYR B 112 32.43 -20.36 42.54
C TYR B 112 31.38 -20.31 41.44
N ILE B 113 30.16 -19.96 41.80
CA ILE B 113 29.03 -19.91 40.87
C ILE B 113 28.44 -18.51 40.84
N GLU B 114 28.08 -18.05 39.64
CA GLU B 114 27.55 -16.71 39.46
C GLU B 114 26.16 -16.79 38.84
N PHE B 115 25.18 -16.18 39.50
CA PHE B 115 23.77 -16.23 39.06
C PHE B 115 23.26 -14.84 38.70
N PRO B 116 23.21 -14.49 37.41
CA PRO B 116 22.70 -13.20 36.98
C PRO B 116 21.21 -13.09 37.27
N CYS B 117 20.75 -11.92 37.63
CA CYS B 117 19.31 -11.73 37.85
C CYS B 117 18.92 -10.48 37.08
N TYR B 118 19.32 -9.32 37.59
CA TYR B 118 19.02 -8.02 36.96
C TYR B 118 17.53 -7.89 36.72
N ARG B 119 16.73 -8.18 37.73
CA ARG B 119 15.27 -8.07 37.53
C ARG B 119 14.65 -7.42 38.77
N TRP B 120 13.49 -6.80 38.59
CA TRP B 120 12.74 -6.25 39.71
C TRP B 120 11.98 -7.38 40.40
N ILE B 121 12.23 -7.56 41.69
CA ILE B 121 11.66 -8.67 42.44
C ILE B 121 10.60 -8.15 43.40
N THR B 122 9.35 -8.12 42.95
CA THR B 122 8.24 -7.85 43.83
C THR B 122 7.84 -9.13 44.56
N GLY B 123 7.06 -8.96 45.63
CA GLY B 123 6.63 -10.09 46.42
C GLY B 123 5.66 -11.03 45.73
N ASP B 124 5.19 -10.67 44.53
CA ASP B 124 4.15 -11.46 43.86
C ASP B 124 4.58 -12.91 43.70
N VAL B 125 5.71 -13.14 43.03
CA VAL B 125 6.12 -14.48 42.66
C VAL B 125 7.55 -14.74 43.10
N GLU B 126 7.91 -16.02 43.08
CA GLU B 126 9.26 -16.47 43.38
C GLU B 126 10.14 -16.32 42.14
N VAL B 127 11.42 -16.04 42.37
CA VAL B 127 12.39 -15.88 41.30
C VAL B 127 13.37 -17.05 41.42
N VAL B 128 13.44 -17.87 40.38
CA VAL B 128 14.40 -18.97 40.36
C VAL B 128 15.45 -18.63 39.33
N LEU B 129 16.71 -18.53 39.76
CA LEU B 129 17.82 -18.16 38.88
C LEU B 129 18.66 -19.36 38.47
N ARG B 130 19.08 -19.34 37.21
CA ARG B 130 19.93 -20.40 36.70
C ARG B 130 21.40 -19.99 36.74
N ASP B 131 22.27 -20.96 36.48
CA ASP B 131 23.70 -20.71 36.38
C ASP B 131 23.96 -19.73 35.25
N GLY B 132 24.91 -18.82 35.45
CA GLY B 132 25.13 -17.76 34.47
C GLY B 132 25.62 -18.24 33.11
N ARG B 133 26.20 -19.43 33.05
CA ARG B 133 26.69 -19.96 31.78
C ARG B 133 25.53 -20.14 30.82
N ALA B 134 25.68 -19.63 29.60
CA ALA B 134 24.60 -19.71 28.62
C ALA B 134 24.35 -21.16 28.21
N LYS B 135 23.08 -21.49 27.98
CA LYS B 135 22.70 -22.85 27.66
C LYS B 135 21.56 -22.83 26.64
N LEU B 136 21.72 -23.59 25.57
CA LEU B 136 20.60 -23.84 24.66
C LEU B 136 19.71 -24.93 25.23
N ALA B 137 18.45 -24.94 24.80
CA ALA B 137 17.56 -26.02 25.18
C ALA B 137 18.21 -27.38 24.96
N ARG B 138 18.98 -27.50 23.87
CA ARG B 138 19.64 -28.74 23.53
C ARG B 138 20.54 -29.25 24.66
N ASP B 139 21.02 -28.36 25.52
CA ASP B 139 22.01 -28.71 26.52
C ASP B 139 21.40 -29.01 27.89
N ASP B 140 20.08 -29.05 27.99
CA ASP B 140 19.38 -29.35 29.23
C ASP B 140 18.78 -30.74 29.16
N GLN B 141 19.20 -31.63 30.05
CA GLN B 141 18.70 -32.99 30.00
C GLN B 141 17.99 -33.41 31.27
N ILE B 142 18.43 -32.98 32.43
CA ILE B 142 17.80 -33.42 33.67
C ILE B 142 16.57 -32.59 33.96
N HIS B 143 15.52 -33.25 34.45
CA HIS B 143 14.23 -32.61 34.66
C HIS B 143 14.36 -31.28 35.39
N ILE B 144 15.22 -31.24 36.42
CA ILE B 144 15.31 -30.04 37.24
C ILE B 144 15.43 -28.81 36.36
N LEU B 145 16.33 -28.88 35.38
CA LEU B 145 16.57 -27.74 34.50
C LEU B 145 15.53 -27.65 33.39
N LYS B 146 15.16 -28.77 32.77
CA LYS B 146 14.17 -28.71 31.71
C LYS B 146 12.85 -28.14 32.23
N GLN B 147 12.52 -28.39 33.49
CA GLN B 147 11.26 -27.89 34.03
C GLN B 147 11.34 -26.40 34.32
N HIS B 148 12.50 -25.93 34.79
CA HIS B 148 12.65 -24.51 35.06
C HIS B 148 12.59 -23.71 33.78
N ARG B 149 13.32 -24.16 32.75
CA ARG B 149 13.23 -23.53 31.44
C ARG B 149 11.80 -23.48 30.96
N ARG B 150 11.13 -24.63 30.98
CA ARG B 150 9.76 -24.73 30.46
C ARG B 150 8.81 -23.85 31.25
N LYS B 151 8.98 -23.79 32.57
CA LYS B 151 8.10 -22.95 33.37
C LYS B 151 8.38 -21.48 33.09
N GLU B 152 9.66 -21.09 32.98
CA GLU B 152 10.00 -19.70 32.68
C GLU B 152 9.30 -19.20 31.43
N LEU B 153 9.34 -19.97 30.34
CA LEU B 153 8.65 -19.57 29.13
C LEU B 153 7.15 -19.39 29.35
N GLU B 154 6.56 -20.20 30.24
CA GLU B 154 5.12 -20.10 30.47
C GLU B 154 4.74 -18.89 31.31
N THR B 155 5.63 -18.49 32.22
CA THR B 155 5.44 -17.24 32.95
C THR B 155 5.67 -16.03 32.04
N ARG B 156 6.67 -16.13 31.17
CA ARG B 156 6.91 -15.06 30.20
C ARG B 156 5.68 -14.79 29.36
N GLN B 157 5.12 -15.83 28.75
CA GLN B 157 4.03 -15.67 27.79
C GLN B 157 2.70 -15.35 28.44
N LYS B 158 2.64 -15.29 29.77
CA LYS B 158 1.48 -14.77 30.46
C LYS B 158 1.67 -13.32 30.88
N GLN B 159 2.91 -12.86 30.96
CA GLN B 159 3.19 -11.48 31.35
C GLN B 159 3.46 -10.57 30.17
N TYR B 160 4.07 -11.08 29.11
CA TYR B 160 4.35 -10.29 27.92
C TYR B 160 3.46 -10.80 26.79
N ARG B 161 2.36 -10.11 26.54
CA ARG B 161 1.41 -10.49 25.51
C ARG B 161 1.45 -9.47 24.36
N TRP B 162 1.03 -9.94 23.19
CA TRP B 162 0.88 -9.09 22.03
C TRP B 162 -0.48 -8.41 22.03
N MET B 163 -0.52 -7.16 21.55
CA MET B 163 -1.75 -6.41 21.44
C MET B 163 -1.62 -5.45 20.26
N GLU B 164 -2.75 -5.19 19.59
CA GLU B 164 -2.79 -4.24 18.48
C GLU B 164 -3.28 -2.90 18.99
N TRP B 165 -2.36 -1.93 19.09
CA TRP B 165 -2.72 -0.62 19.61
C TRP B 165 -3.55 0.16 18.60
N ASN B 166 -3.11 0.21 17.34
CA ASN B 166 -3.84 0.85 16.26
C ASN B 166 -3.88 -0.06 15.06
N PRO B 167 -4.95 0.00 14.27
CA PRO B 167 -5.15 -0.99 13.20
C PRO B 167 -4.05 -0.92 12.16
N GLY B 168 -3.52 -2.08 11.78
CA GLY B 168 -2.44 -2.18 10.82
C GLY B 168 -1.06 -1.92 11.39
N PHE B 169 -0.98 -1.47 12.64
CA PHE B 169 0.28 -1.15 13.28
C PHE B 169 1.08 -2.43 13.56
N PRO B 170 2.35 -2.28 13.94
CA PRO B 170 3.06 -3.42 14.55
C PRO B 170 2.57 -3.60 15.98
N LEU B 171 2.25 -4.85 16.33
CA LEU B 171 1.73 -5.14 17.66
C LEU B 171 2.70 -4.69 18.74
N SER B 172 2.15 -4.22 19.85
CA SER B 172 2.89 -3.69 20.98
C SER B 172 2.68 -4.58 22.21
N ILE B 173 3.18 -4.11 23.34
CA ILE B 173 3.04 -4.82 24.64
C ILE B 173 1.60 -4.62 25.11
N ASP B 174 0.99 -5.68 25.59
CA ASP B 174 -0.42 -5.59 26.01
C ASP B 174 -0.47 -4.93 27.37
N ALA B 175 -0.50 -3.61 27.35
CA ALA B 175 -0.60 -2.76 28.56
C ALA B 175 -1.44 -1.54 28.21
N LYS B 176 -2.08 -0.92 29.20
CA LYS B 176 -2.88 0.29 28.95
C LYS B 176 -2.00 1.50 29.24
N CYS B 177 -1.43 1.52 30.43
CA CYS B 177 -0.50 2.56 30.87
C CYS B 177 0.80 1.91 31.35
N HIS B 178 1.79 2.77 31.60
CA HIS B 178 3.09 2.30 32.07
C HIS B 178 2.96 1.43 33.31
N LYS B 179 2.17 1.89 34.29
CA LYS B 179 2.09 1.22 35.59
C LYS B 179 1.60 -0.22 35.48
N ASP B 180 0.94 -0.59 34.39
CA ASP B 180 0.38 -1.93 34.23
C ASP B 180 1.34 -2.89 33.52
N LEU B 181 2.60 -2.53 33.42
CA LEU B 181 3.60 -3.37 32.79
C LEU B 181 4.26 -4.29 33.81
N PRO B 182 4.83 -5.39 33.36
CA PRO B 182 5.65 -6.20 34.28
C PRO B 182 6.74 -5.33 34.88
N ARG B 183 6.90 -5.43 36.20
CA ARG B 183 7.83 -4.55 36.88
C ARG B 183 9.26 -4.70 36.37
N ASP B 184 9.57 -5.78 35.65
CA ASP B 184 10.93 -5.95 35.14
C ASP B 184 11.26 -4.99 33.99
N ILE B 185 10.25 -4.51 33.25
CA ILE B 185 10.51 -3.63 32.12
C ILE B 185 10.21 -2.17 32.40
N GLN B 186 9.61 -1.85 33.55
CA GLN B 186 9.28 -0.46 33.85
C GLN B 186 10.52 0.34 34.20
N PHE B 187 10.39 1.66 34.13
CA PHE B 187 11.51 2.55 34.43
C PHE B 187 11.92 2.47 35.90
N PHE B 229 18.44 33.49 23.26
CA PHE B 229 18.50 33.66 21.81
C PHE B 229 19.55 32.73 21.24
N VAL B 230 20.69 33.33 20.85
CA VAL B 230 21.76 32.58 20.21
C VAL B 230 22.61 31.79 21.21
N LYS B 231 22.45 32.03 22.52
CA LYS B 231 23.27 31.32 23.49
C LYS B 231 22.72 29.94 23.77
N ILE B 232 21.40 29.78 23.73
CA ILE B 232 20.81 28.46 23.92
C ILE B 232 21.08 27.57 22.71
N SER B 233 21.21 28.16 21.53
CA SER B 233 21.38 27.37 20.32
C SER B 233 22.68 26.57 20.34
N ASN B 234 22.66 25.45 19.63
CA ASN B 234 23.78 24.56 19.47
C ASN B 234 24.66 25.02 18.32
N THR B 235 25.89 24.48 18.26
CA THR B 235 26.79 24.84 17.17
C THR B 235 26.20 24.51 15.81
N ILE B 236 25.58 23.34 15.68
CA ILE B 236 24.95 22.99 14.41
C ILE B 236 23.70 23.84 14.19
N SER B 237 22.96 24.13 15.25
CA SER B 237 21.73 24.91 15.09
C SER B 237 22.02 26.40 14.90
N GLU B 238 23.00 26.94 15.61
CA GLU B 238 23.45 28.29 15.31
C GLU B 238 23.83 28.41 13.84
N ARG B 239 24.53 27.40 13.32
CA ARG B 239 24.79 27.35 11.88
C ARG B 239 23.50 27.24 11.09
N VAL B 240 22.54 26.46 11.59
CA VAL B 240 21.25 26.35 10.90
C VAL B 240 20.54 27.69 10.90
N MET B 241 20.79 28.53 11.91
CA MET B 241 20.10 29.80 11.98
C MET B 241 20.66 30.84 11.02
N ASN B 242 21.95 30.73 10.66
CA ASN B 242 22.60 31.68 9.77
C ASN B 242 22.61 31.24 8.31
N HIS B 243 22.29 29.98 8.01
CA HIS B 243 22.48 29.48 6.65
C HIS B 243 21.34 28.60 6.14
N TRP B 244 20.22 28.52 6.86
CA TRP B 244 19.13 27.64 6.45
C TRP B 244 18.52 28.06 5.12
N GLN B 245 18.66 29.33 4.73
CA GLN B 245 18.12 29.76 3.45
C GLN B 245 18.93 29.27 2.27
N GLU B 246 20.19 28.87 2.49
CA GLU B 246 21.04 28.46 1.37
C GLU B 246 20.64 27.08 0.86
N ASP B 247 20.70 26.93 -0.46
CA ASP B 247 20.42 25.64 -1.09
C ASP B 247 21.39 24.56 -0.60
N LEU B 248 22.68 24.89 -0.48
CA LEU B 248 23.65 23.90 -0.04
C LEU B 248 23.25 23.30 1.29
N MET B 249 22.94 24.15 2.27
CA MET B 249 22.44 23.68 3.55
C MET B 249 21.18 22.85 3.37
N PHE B 250 20.28 23.28 2.49
CA PHE B 250 19.07 22.50 2.25
C PHE B 250 19.41 21.10 1.76
N GLY B 251 20.42 20.98 0.89
CA GLY B 251 20.71 19.69 0.29
C GLY B 251 21.52 18.80 1.22
N TYR B 252 22.45 19.38 1.96
CA TYR B 252 23.28 18.62 2.88
C TYR B 252 22.45 17.86 3.91
N GLN B 253 21.37 18.47 4.42
CA GLN B 253 20.53 17.77 5.39
C GLN B 253 19.98 16.45 4.86
N PHE B 254 19.88 16.31 3.54
CA PHE B 254 19.36 15.06 3.00
C PHE B 254 20.33 13.91 3.19
N LEU B 255 21.60 14.19 3.46
CA LEU B 255 22.59 13.14 3.64
C LEU B 255 23.17 13.10 5.04
N ASN B 256 23.23 14.22 5.74
CA ASN B 256 23.89 14.23 7.04
C ASN B 256 23.08 14.97 8.10
N GLY B 257 21.82 15.29 7.81
CA GLY B 257 20.96 15.91 8.79
C GLY B 257 20.36 14.88 9.74
N ALA B 258 19.19 15.21 10.26
CA ALA B 258 18.53 14.34 11.23
C ALA B 258 17.80 13.17 10.58
N ASN B 259 17.52 13.24 9.28
CA ASN B 259 16.68 12.25 8.61
C ASN B 259 17.31 11.89 7.27
N PRO B 260 18.57 11.41 7.27
CA PRO B 260 19.34 11.22 6.04
C PRO B 260 19.09 9.88 5.35
N VAL B 261 17.81 9.52 5.17
CA VAL B 261 17.43 8.18 4.75
C VAL B 261 16.50 8.18 3.54
N LEU B 262 16.19 9.34 2.95
CA LEU B 262 15.14 9.46 1.93
C LEU B 262 15.66 9.75 0.53
N ILE B 263 16.75 10.51 0.40
CA ILE B 263 17.28 10.78 -0.92
C ILE B 263 17.63 9.47 -1.61
N ARG B 264 17.17 9.28 -2.84
CA ARG B 264 17.61 8.16 -3.65
C ARG B 264 18.10 8.68 -5.00
N ARG B 265 19.07 7.97 -5.58
CA ARG B 265 19.56 8.33 -6.91
C ARG B 265 18.52 7.99 -7.97
N CYS B 266 18.19 8.96 -8.80
CA CYS B 266 17.17 8.80 -9.81
C CYS B 266 17.78 8.26 -11.10
N THR B 267 17.04 7.38 -11.76
CA THR B 267 17.48 6.82 -13.03
C THR B 267 16.64 7.25 -14.22
N GLU B 268 15.40 7.69 -13.99
CA GLU B 268 14.64 8.34 -15.04
C GLU B 268 13.67 9.33 -14.40
N LEU B 269 13.56 10.51 -15.00
CA LEU B 269 12.72 11.56 -14.44
C LEU B 269 11.27 11.10 -14.39
N PRO B 270 10.62 11.16 -13.23
CA PRO B 270 9.23 10.70 -13.12
C PRO B 270 8.30 11.51 -14.00
N GLU B 271 7.34 10.82 -14.62
CA GLU B 271 6.39 11.50 -15.50
C GLU B 271 5.51 12.46 -14.74
N LYS B 272 5.34 12.28 -13.43
CA LYS B 272 4.52 13.20 -12.65
C LYS B 272 5.21 14.54 -12.42
N LEU B 273 6.53 14.61 -12.62
CA LEU B 273 7.28 15.86 -12.49
C LEU B 273 7.78 16.29 -13.85
N PRO B 274 7.05 17.15 -14.58
CA PRO B 274 7.42 17.50 -15.96
C PRO B 274 8.40 18.67 -16.02
N VAL B 275 9.57 18.48 -15.45
CA VAL B 275 10.63 19.47 -15.44
C VAL B 275 11.55 19.18 -16.61
N THR B 276 12.03 20.24 -17.27
CA THR B 276 12.76 20.15 -18.53
C THR B 276 14.12 20.81 -18.42
N THR B 277 15.02 20.44 -19.35
CA THR B 277 16.36 21.03 -19.36
C THR B 277 16.29 22.54 -19.35
N GLU B 278 15.34 23.13 -20.08
CA GLU B 278 15.23 24.58 -20.12
C GLU B 278 15.02 25.16 -18.72
N MET B 279 14.24 24.49 -17.88
CA MET B 279 13.85 25.06 -16.59
C MET B 279 15.02 25.07 -15.61
N VAL B 280 15.89 24.06 -15.67
CA VAL B 280 16.96 23.94 -14.70
C VAL B 280 18.32 24.13 -15.37
N GLU B 281 18.34 24.65 -16.59
CA GLU B 281 19.61 24.80 -17.31
C GLU B 281 20.56 25.73 -16.55
N CYS B 282 20.03 26.73 -15.86
CA CYS B 282 20.89 27.64 -15.10
C CYS B 282 21.49 26.95 -13.88
N SER B 283 20.91 25.83 -13.45
CA SER B 283 21.39 25.07 -12.31
C SER B 283 22.38 23.98 -12.69
N LEU B 284 22.48 23.61 -13.97
CA LEU B 284 23.37 22.56 -14.42
C LEU B 284 24.73 23.15 -14.81
N GLU B 285 25.81 22.44 -14.48
CA GLU B 285 27.16 22.98 -14.61
C GLU B 285 28.05 22.15 -15.54
N ARG B 286 27.46 21.31 -16.41
CA ARG B 286 28.25 20.41 -17.23
C ARG B 286 27.93 20.45 -18.72
N GLN B 287 27.03 21.33 -19.16
CA GLN B 287 26.66 21.42 -20.57
C GLN B 287 25.98 20.16 -21.07
N LEU B 288 25.40 19.39 -20.15
CA LEU B 288 24.59 18.23 -20.49
C LEU B 288 23.12 18.59 -20.31
N SER B 289 22.27 18.06 -21.19
CA SER B 289 20.85 18.20 -20.97
C SER B 289 20.48 17.57 -19.64
N LEU B 290 19.23 17.79 -19.20
CA LEU B 290 18.74 17.13 -18.00
C LEU B 290 18.71 15.62 -18.17
N GLU B 291 18.16 15.15 -19.29
CA GLU B 291 18.15 13.72 -19.56
C GLU B 291 19.57 13.16 -19.55
N GLN B 292 20.52 13.92 -20.06
CA GLN B 292 21.91 13.47 -20.07
C GLN B 292 22.51 13.46 -18.67
N GLU B 293 22.06 14.36 -17.80
CA GLU B 293 22.59 14.40 -16.45
C GLU B 293 22.02 13.27 -15.60
N VAL B 294 20.77 12.89 -15.86
CA VAL B 294 20.19 11.75 -15.16
C VAL B 294 20.91 10.47 -15.53
N GLN B 295 21.16 10.27 -16.82
CA GLN B 295 21.82 9.04 -17.28
C GLN B 295 23.20 8.90 -16.66
N GLN B 296 23.92 10.01 -16.49
CA GLN B 296 25.21 9.95 -15.81
C GLN B 296 25.08 9.91 -14.29
N GLY B 297 23.86 9.83 -13.77
CA GLY B 297 23.65 9.68 -12.35
C GLY B 297 23.99 10.89 -11.50
N ASN B 298 23.86 12.09 -12.04
CA ASN B 298 24.04 13.30 -11.25
C ASN B 298 22.73 13.87 -10.75
N ILE B 299 21.61 13.18 -10.95
CA ILE B 299 20.30 13.67 -10.50
C ILE B 299 19.81 12.80 -9.35
N PHE B 300 19.27 13.46 -8.33
CA PHE B 300 18.76 12.78 -7.15
C PHE B 300 17.37 13.31 -6.83
N ILE B 301 16.58 12.49 -6.15
CA ILE B 301 15.18 12.80 -5.91
C ILE B 301 14.83 12.47 -4.46
N VAL B 302 13.90 13.24 -3.91
CA VAL B 302 13.29 12.99 -2.61
C VAL B 302 11.80 13.13 -2.81
N ASP B 303 11.10 12.01 -2.94
CA ASP B 303 9.67 12.00 -3.23
C ASP B 303 8.92 11.65 -1.97
N PHE B 304 7.95 12.49 -1.61
CA PHE B 304 7.09 12.21 -0.47
C PHE B 304 5.75 11.64 -0.92
N GLU B 305 5.81 10.55 -1.70
CA GLU B 305 4.60 9.89 -2.16
C GLU B 305 3.76 9.36 -1.00
N LEU B 306 4.39 9.15 0.15
CA LEU B 306 3.68 8.57 1.29
C LEU B 306 2.58 9.51 1.78
N LEU B 307 2.88 10.81 1.86
CA LEU B 307 1.99 11.84 2.41
C LEU B 307 0.83 12.20 1.49
N ASP B 308 0.69 11.56 0.35
CA ASP B 308 -0.35 11.92 -0.62
C ASP B 308 -1.70 11.42 -0.12
N GLY B 309 -2.53 12.33 0.40
CA GLY B 309 -3.89 12.01 0.79
C GLY B 309 -4.16 12.07 2.28
N ILE B 310 -3.14 12.32 3.11
CA ILE B 310 -3.36 12.37 4.55
C ILE B 310 -4.19 13.60 4.92
N ASP B 311 -4.81 13.54 6.09
CA ASP B 311 -5.61 14.65 6.58
C ASP B 311 -4.93 15.36 7.75
N PHE B 322 -2.20 21.16 7.88
CA PHE B 322 -1.92 21.26 6.45
C PHE B 322 -0.70 20.46 5.99
N LEU B 323 -0.90 19.68 4.92
CA LEU B 323 0.13 18.79 4.39
C LEU B 323 0.30 19.01 2.90
N ALA B 324 1.43 18.52 2.38
CA ALA B 324 1.74 18.51 0.96
C ALA B 324 2.48 17.22 0.63
N ALA B 325 2.78 17.02 -0.64
CA ALA B 325 3.44 15.80 -1.11
C ALA B 325 4.60 16.14 -2.04
N PRO B 326 5.59 16.87 -1.54
CA PRO B 326 6.61 17.42 -2.43
C PRO B 326 7.41 16.36 -3.18
N ILE B 327 7.71 16.66 -4.43
CA ILE B 327 8.75 15.99 -5.19
C ILE B 327 9.89 16.98 -5.30
N CYS B 328 11.02 16.68 -4.67
CA CYS B 328 12.20 17.53 -4.76
C CYS B 328 13.26 16.84 -5.60
N LEU B 329 13.64 17.49 -6.71
CA LEU B 329 14.72 17.04 -7.56
C LEU B 329 16.01 17.75 -7.17
N LEU B 330 17.10 16.99 -7.11
CA LEU B 330 18.37 17.51 -6.63
C LEU B 330 19.47 17.17 -7.64
N TYR B 331 20.54 17.95 -7.59
CA TYR B 331 21.62 17.79 -8.59
C TYR B 331 22.99 17.75 -7.91
N LYS B 332 23.80 16.75 -8.27
CA LYS B 332 25.19 16.66 -7.77
C LYS B 332 26.02 17.54 -8.70
N ASN B 333 26.54 18.65 -8.16
CA ASN B 333 27.33 19.66 -8.93
C ASN B 333 28.81 19.23 -9.04
N LEU B 334 29.62 20.07 -9.70
CA LEU B 334 31.06 19.78 -9.92
C LEU B 334 31.75 19.54 -8.57
N ALA B 335 31.41 20.33 -7.54
CA ALA B 335 31.99 20.16 -6.20
C ALA B 335 31.40 18.91 -5.51
N ASN B 336 30.66 18.06 -6.25
CA ASN B 336 30.07 16.85 -5.66
C ASN B 336 29.23 17.15 -4.44
N LYS B 337 28.49 18.25 -4.46
CA LYS B 337 27.60 18.64 -3.35
C LYS B 337 26.17 18.58 -3.89
N ILE B 338 25.24 17.93 -3.22
CA ILE B 338 23.88 17.82 -3.79
C ILE B 338 23.05 19.05 -3.43
N VAL B 339 22.55 19.76 -4.43
CA VAL B 339 21.75 20.97 -4.21
C VAL B 339 20.41 20.83 -4.91
N PRO B 340 19.42 21.60 -4.46
CA PRO B 340 18.08 21.49 -5.05
C PRO B 340 17.92 22.38 -6.26
N ILE B 341 17.34 21.79 -7.31
CA ILE B 341 17.13 22.49 -8.58
C ILE B 341 15.68 22.47 -9.02
N ALA B 342 14.78 21.81 -8.29
CA ALA B 342 13.36 21.90 -8.61
C ALA B 342 12.50 21.29 -7.50
N ILE B 343 11.43 21.98 -7.12
CA ILE B 343 10.52 21.49 -6.10
C ILE B 343 9.10 21.57 -6.64
N GLN B 344 8.37 20.46 -6.54
CA GLN B 344 6.94 20.44 -6.84
C GLN B 344 6.22 19.93 -5.60
N LEU B 345 5.27 20.71 -5.09
CA LEU B 345 4.77 20.47 -3.75
C LEU B 345 3.70 19.37 -3.68
N ASN B 346 3.14 18.96 -4.81
CA ASN B 346 2.22 17.84 -4.81
C ASN B 346 2.58 16.87 -5.94
N GLN B 347 1.84 15.76 -5.98
CA GLN B 347 2.20 14.61 -6.82
C GLN B 347 1.66 14.70 -8.23
N ILE B 348 0.47 15.26 -8.42
CA ILE B 348 -0.15 15.37 -9.72
C ILE B 348 0.21 16.73 -10.30
N PRO B 349 0.93 16.80 -11.42
CA PRO B 349 1.29 18.11 -11.98
C PRO B 349 0.10 18.81 -12.62
N GLY B 350 0.14 20.13 -12.57
CA GLY B 350 -0.91 20.95 -13.16
C GLY B 350 -0.58 22.42 -12.97
N ASP B 351 -1.47 23.26 -13.51
CA ASP B 351 -1.22 24.70 -13.49
C ASP B 351 -1.22 25.27 -12.06
N GLU B 352 -1.93 24.61 -11.14
CA GLU B 352 -1.99 25.04 -9.75
C GLU B 352 -1.00 24.30 -8.85
N ASN B 353 -0.16 23.44 -9.42
CA ASN B 353 0.99 22.85 -8.72
C ASN B 353 2.26 23.19 -9.50
N PRO B 354 2.71 24.44 -9.42
CA PRO B 354 3.87 24.86 -10.21
C PRO B 354 5.13 24.14 -9.78
N ILE B 355 6.05 23.99 -10.73
CA ILE B 355 7.39 23.46 -10.44
C ILE B 355 8.27 24.65 -10.05
N PHE B 356 8.43 24.86 -8.75
CA PHE B 356 9.26 25.97 -8.29
C PHE B 356 10.73 25.74 -8.61
N LEU B 357 11.46 26.84 -8.77
CA LEU B 357 12.85 26.79 -9.22
C LEU B 357 13.69 27.78 -8.44
N PRO B 358 15.00 27.52 -8.31
CA PRO B 358 15.88 28.46 -7.62
C PRO B 358 16.04 29.78 -8.33
N SER B 359 15.61 29.86 -9.59
CA SER B 359 15.56 31.09 -10.37
C SER B 359 14.23 31.82 -10.22
N ASP B 360 13.41 31.41 -9.24
CA ASP B 360 12.09 32.08 -9.02
C ASP B 360 12.26 33.20 -7.99
N ALA B 361 11.14 33.74 -7.50
CA ALA B 361 11.18 34.80 -6.47
C ALA B 361 11.83 34.24 -5.20
N LYS B 362 12.59 35.08 -4.48
CA LYS B 362 13.32 34.59 -3.28
C LYS B 362 12.33 33.98 -2.29
N TYR B 363 11.21 34.66 -2.05
CA TYR B 363 10.15 34.13 -1.14
C TYR B 363 9.52 32.88 -1.76
N ASP B 364 9.32 32.89 -3.09
CA ASP B 364 8.73 31.74 -3.82
C ASP B 364 9.60 30.49 -3.61
N TRP B 365 10.89 30.58 -3.95
CA TRP B 365 11.80 29.42 -3.80
C TRP B 365 11.96 29.10 -2.31
N LEU B 366 12.06 30.14 -1.49
CA LEU B 366 12.20 29.95 -0.05
C LEU B 366 11.00 29.19 0.53
N LEU B 367 9.79 29.55 0.10
CA LEU B 367 8.62 28.85 0.63
C LEU B 367 8.57 27.41 0.14
N ALA B 368 8.94 27.19 -1.12
CA ALA B 368 8.99 25.82 -1.63
C ALA B 368 9.92 24.98 -0.79
N LYS B 369 11.08 25.51 -0.44
CA LYS B 369 12.04 24.75 0.36
C LYS B 369 11.49 24.49 1.75
N ILE B 370 10.76 25.45 2.31
CA ILE B 370 10.23 25.27 3.66
C ILE B 370 9.22 24.12 3.69
N TRP B 371 8.31 24.08 2.70
CA TRP B 371 7.35 22.99 2.67
C TRP B 371 8.04 21.64 2.57
N VAL B 372 9.20 21.57 1.96
CA VAL B 372 9.90 20.29 1.90
C VAL B 372 10.42 19.91 3.28
N ARG B 373 10.95 20.89 4.03
CA ARG B 373 11.42 20.61 5.38
C ARG B 373 10.28 20.16 6.30
N SER B 374 9.12 20.79 6.19
CA SER B 374 7.98 20.31 6.98
C SER B 374 7.68 18.85 6.63
N SER B 375 7.56 18.55 5.34
CA SER B 375 7.24 17.19 4.95
C SER B 375 8.32 16.21 5.42
N ASP B 376 9.59 16.61 5.35
CA ASP B 376 10.65 15.74 5.83
C ASP B 376 10.58 15.57 7.34
N PHE B 377 10.11 16.58 8.05
CA PHE B 377 9.99 16.47 9.50
C PHE B 377 8.91 15.45 9.88
N HIS B 378 7.76 15.49 9.19
CA HIS B 378 6.67 14.58 9.51
C HIS B 378 7.02 13.15 9.16
N VAL B 379 7.74 12.94 8.07
CA VAL B 379 8.15 11.58 7.72
C VAL B 379 9.27 11.12 8.65
N HIS B 380 10.14 12.03 9.08
CA HIS B 380 11.19 11.67 10.02
C HIS B 380 10.60 11.23 11.36
N GLN B 381 9.83 12.12 12.00
CA GLN B 381 9.26 11.80 13.31
C GLN B 381 8.41 10.54 13.27
N THR B 382 7.42 10.49 12.38
CA THR B 382 6.44 9.41 12.44
C THR B 382 7.00 8.10 11.89
N ILE B 383 7.64 8.16 10.73
CA ILE B 383 8.08 6.91 10.06
C ILE B 383 9.52 6.55 10.40
N THR B 384 10.45 7.42 10.08
CA THR B 384 11.89 7.15 10.31
C THR B 384 12.18 6.97 11.79
N HIS B 385 11.56 7.78 12.65
CA HIS B 385 11.90 7.67 14.08
C HIS B 385 10.94 6.74 14.82
N LEU B 386 9.69 7.13 15.01
CA LEU B 386 8.74 6.32 15.81
C LEU B 386 8.55 4.92 15.26
N LEU B 387 8.07 4.76 14.04
CA LEU B 387 7.84 3.40 13.52
C LEU B 387 9.08 2.57 13.25
N ARG B 388 10.07 3.10 12.54
CA ARG B 388 11.12 2.16 12.07
C ARG B 388 12.16 1.83 13.13
N THR B 389 12.12 2.43 14.31
CA THR B 389 13.07 2.11 15.36
C THR B 389 12.38 1.84 16.70
N HIS B 390 11.52 2.77 17.14
CA HIS B 390 10.81 2.55 18.39
C HIS B 390 9.88 1.34 18.30
N LEU B 391 8.95 1.36 17.35
CA LEU B 391 8.00 0.26 17.27
C LEU B 391 8.68 -1.03 16.83
N VAL B 392 9.71 -0.96 15.99
CA VAL B 392 10.40 -2.18 15.55
C VAL B 392 11.14 -2.82 16.73
N SER B 393 11.98 -2.04 17.42
CA SER B 393 12.70 -2.57 18.57
C SER B 393 11.76 -3.21 19.56
N GLU B 394 10.61 -2.59 19.83
CA GLU B 394 9.64 -3.18 20.74
C GLU B 394 9.19 -4.55 20.26
N VAL B 395 8.89 -4.71 18.97
CA VAL B 395 8.54 -6.03 18.44
C VAL B 395 9.62 -7.03 18.80
N PHE B 396 10.88 -6.67 18.54
CA PHE B 396 12.00 -7.57 18.86
C PHE B 396 12.11 -7.80 20.36
N GLY B 397 11.92 -6.76 21.16
CA GLY B 397 11.97 -6.94 22.61
C GLY B 397 10.91 -7.90 23.12
N ILE B 398 9.67 -7.69 22.71
CA ILE B 398 8.57 -8.54 23.14
C ILE B 398 8.79 -9.96 22.64
N ALA B 399 9.10 -10.10 21.35
CA ALA B 399 9.42 -11.41 20.79
C ALA B 399 10.50 -12.10 21.62
N MET B 400 11.45 -11.33 22.15
CA MET B 400 12.53 -11.91 22.94
C MET B 400 12.00 -12.40 24.29
N TYR B 401 11.31 -11.53 25.03
CA TYR B 401 10.81 -11.92 26.35
C TYR B 401 9.85 -13.09 26.25
N ARG B 402 9.03 -13.13 25.21
CA ARG B 402 8.08 -14.24 25.09
C ARG B 402 8.76 -15.58 24.89
N GLN B 403 9.89 -15.62 24.17
CA GLN B 403 10.39 -16.87 23.64
C GLN B 403 11.77 -17.26 24.12
N LEU B 404 12.59 -16.31 24.56
CA LEU B 404 13.97 -16.60 24.94
C LEU B 404 14.14 -16.62 26.45
N PRO B 405 14.41 -17.77 27.05
CA PRO B 405 14.71 -17.82 28.50
C PRO B 405 16.01 -17.10 28.82
N ALA B 406 16.13 -16.72 30.11
CA ALA B 406 17.26 -15.90 30.53
C ALA B 406 18.60 -16.62 30.33
N VAL B 407 18.58 -17.96 30.34
CA VAL B 407 19.81 -18.73 30.20
C VAL B 407 20.24 -18.85 28.74
N HIS B 408 19.34 -18.55 27.81
CA HIS B 408 19.66 -18.65 26.39
C HIS B 408 20.62 -17.54 25.98
N PRO B 409 21.67 -17.86 25.21
CA PRO B 409 22.67 -16.84 24.85
C PRO B 409 22.10 -15.66 24.09
N ILE B 410 21.13 -15.89 23.22
CA ILE B 410 20.58 -14.78 22.45
C ILE B 410 19.82 -13.83 23.36
N PHE B 411 19.20 -14.34 24.42
CA PHE B 411 18.61 -13.44 25.40
C PHE B 411 19.68 -12.60 26.09
N LYS B 412 20.71 -13.27 26.62
CA LYS B 412 21.80 -12.55 27.26
C LYS B 412 22.43 -11.50 26.35
N LEU B 413 22.31 -11.68 25.04
CA LEU B 413 22.87 -10.74 24.09
C LEU B 413 21.95 -9.57 23.83
N LEU B 414 20.69 -9.84 23.52
CA LEU B 414 19.78 -8.80 23.07
C LEU B 414 19.13 -8.02 24.20
N VAL B 415 19.23 -8.47 25.45
CA VAL B 415 18.48 -7.81 26.50
C VAL B 415 18.99 -6.38 26.70
N ALA B 416 20.29 -6.16 26.56
CA ALA B 416 20.86 -4.83 26.80
C ALA B 416 20.39 -3.81 25.76
N HIS B 417 20.06 -4.26 24.56
CA HIS B 417 19.66 -3.40 23.45
C HIS B 417 18.15 -3.14 23.40
N VAL B 418 17.32 -4.00 23.99
CA VAL B 418 15.89 -3.74 23.99
C VAL B 418 15.50 -3.16 25.33
N ARG B 419 16.48 -2.68 26.07
CA ARG B 419 16.27 -2.13 27.41
C ARG B 419 15.55 -0.80 27.30
N PHE B 420 14.49 -0.65 28.09
CA PHE B 420 13.72 0.58 28.23
C PHE B 420 12.84 0.90 27.04
N THR B 421 12.87 0.11 25.98
CA THR B 421 12.13 0.47 24.78
C THR B 421 10.62 0.32 25.00
N ILE B 422 10.22 -0.75 25.68
CA ILE B 422 8.80 -0.99 25.92
C ILE B 422 8.25 0.01 26.93
N ALA B 423 9.04 0.38 27.93
CA ALA B 423 8.56 1.32 28.94
C ALA B 423 8.37 2.71 28.34
N ILE B 424 9.40 3.23 27.67
CA ILE B 424 9.33 4.56 27.06
C ILE B 424 8.18 4.62 26.08
N ASN B 425 8.05 3.60 25.22
CA ASN B 425 6.96 3.61 24.25
C ASN B 425 5.60 3.60 24.93
N THR B 426 5.50 2.93 26.08
CA THR B 426 4.21 2.88 26.77
C THR B 426 3.86 4.22 27.40
N LYS B 427 4.87 4.94 27.91
CA LYS B 427 4.63 6.26 28.46
C LYS B 427 4.21 7.25 27.39
N ALA B 428 4.64 7.06 26.14
CA ALA B 428 4.19 7.92 25.05
C ALA B 428 2.77 7.60 24.64
N ARG B 429 2.46 6.32 24.43
CA ARG B 429 1.09 5.91 24.09
C ARG B 429 0.13 6.27 25.22
N GLU B 430 0.51 5.95 26.46
CA GLU B 430 -0.26 6.32 27.63
C GLU B 430 -0.79 7.75 27.53
N GLN B 431 0.09 8.69 27.17
CA GLN B 431 -0.23 10.10 27.13
C GLN B 431 -0.75 10.54 25.76
N LEU B 432 -0.05 10.14 24.69
CA LEU B 432 -0.48 10.45 23.33
C LEU B 432 -1.99 10.27 23.16
N ILE B 433 -2.47 9.06 23.41
CA ILE B 433 -3.91 8.79 23.34
C ILE B 433 -4.51 8.84 24.74
N GLY B 448 -4.11 10.67 14.48
CA GLY B 448 -5.12 10.89 13.47
C GLY B 448 -4.55 10.80 12.07
N GLY B 449 -4.03 11.93 11.57
CA GLY B 449 -3.28 11.88 10.32
C GLY B 449 -2.00 11.08 10.44
N HIS B 450 -1.43 11.03 11.65
CA HIS B 450 -0.21 10.25 11.87
C HIS B 450 -0.49 8.75 11.86
N VAL B 451 -1.69 8.33 12.28
CA VAL B 451 -2.01 6.91 12.26
C VAL B 451 -2.09 6.40 10.83
N GLN B 452 -2.67 7.20 9.93
CA GLN B 452 -2.78 6.78 8.53
C GLN B 452 -1.43 6.77 7.82
N MET B 453 -0.44 7.47 8.35
CA MET B 453 0.92 7.37 7.81
C MET B 453 1.57 6.05 8.20
N VAL B 454 1.45 5.68 9.46
CA VAL B 454 2.06 4.41 9.96
C VAL B 454 1.56 3.24 9.12
N GLN B 455 0.25 3.10 8.95
CA GLN B 455 -0.28 1.95 8.17
C GLN B 455 0.18 2.04 6.72
N ARG B 456 0.12 3.23 6.11
CA ARG B 456 0.53 3.40 4.70
C ARG B 456 2.02 3.07 4.57
N ALA B 457 2.77 3.34 5.63
CA ALA B 457 4.24 3.13 5.66
C ALA B 457 4.60 1.69 5.99
N MET B 458 3.62 0.87 6.28
CA MET B 458 3.88 -0.52 6.72
C MET B 458 4.19 -1.45 5.54
N LYS B 459 4.09 -1.00 4.31
CA LYS B 459 4.44 -1.85 3.15
C LYS B 459 5.93 -1.72 2.85
N ASP B 460 6.57 -0.62 3.21
CA ASP B 460 8.00 -0.54 2.99
C ASP B 460 8.79 -1.15 4.14
N LEU B 461 8.18 -1.40 5.30
CA LEU B 461 8.95 -1.90 6.43
C LEU B 461 9.32 -3.36 6.19
N THR B 462 10.43 -3.61 5.51
CA THR B 462 10.80 -4.96 5.12
C THR B 462 12.10 -5.36 5.81
N TYR B 463 12.36 -6.67 5.84
CA TYR B 463 13.60 -7.12 6.45
C TYR B 463 14.80 -6.55 5.70
N ALA B 464 14.72 -6.52 4.37
CA ALA B 464 15.83 -5.99 3.57
C ALA B 464 15.99 -4.49 3.77
N SER B 465 14.90 -3.78 4.07
CA SER B 465 15.02 -2.34 4.26
C SER B 465 15.71 -1.99 5.56
N LEU B 466 15.92 -2.96 6.45
CA LEU B 466 16.62 -2.76 7.71
C LEU B 466 18.05 -3.27 7.68
N CYS B 467 18.44 -4.05 6.67
CA CYS B 467 19.84 -4.44 6.46
C CYS B 467 20.59 -3.27 5.86
N PHE B 468 21.18 -2.45 6.72
CA PHE B 468 21.77 -1.17 6.36
C PHE B 468 22.47 -1.18 5.00
N PRO B 469 23.47 -2.03 4.80
CA PRO B 469 24.22 -1.98 3.54
C PRO B 469 23.35 -2.20 2.33
N GLU B 470 22.32 -3.02 2.43
CA GLU B 470 21.44 -3.23 1.29
C GLU B 470 20.52 -2.04 1.09
N ALA B 471 19.93 -1.52 2.16
CA ALA B 471 19.05 -0.36 2.04
C ALA B 471 19.79 0.81 1.43
N ILE B 472 21.07 0.99 1.78
CA ILE B 472 21.87 2.02 1.14
C ILE B 472 21.94 1.77 -0.36
N LYS B 473 22.13 0.50 -0.76
CA LYS B 473 22.27 0.19 -2.17
C LYS B 473 20.95 0.30 -2.91
N ALA B 474 19.83 0.15 -2.21
CA ALA B 474 18.53 0.24 -2.85
C ALA B 474 18.14 1.66 -3.18
N ARG B 475 18.76 2.65 -2.54
CA ARG B 475 18.54 4.04 -2.88
C ARG B 475 19.57 4.58 -3.85
N GLY B 476 20.50 3.74 -4.32
CA GLY B 476 21.54 4.17 -5.25
C GLY B 476 22.69 4.94 -4.65
N MET B 477 22.74 5.10 -3.33
CA MET B 477 23.74 5.92 -2.67
C MET B 477 24.95 5.12 -2.21
N GLU B 478 25.20 3.95 -2.81
CA GLU B 478 26.27 3.07 -2.32
C GLU B 478 27.66 3.58 -2.69
N SER B 479 27.83 4.20 -3.85
CA SER B 479 29.16 4.51 -4.36
C SER B 479 29.74 5.74 -3.66
N LYS B 480 30.88 5.55 -3.00
CA LYS B 480 31.54 6.68 -2.35
C LYS B 480 32.24 7.60 -3.34
N GLU B 481 32.57 7.10 -4.53
CA GLU B 481 33.17 7.96 -5.55
C GLU B 481 32.16 8.96 -6.11
N ASP B 482 30.91 8.55 -6.27
CA ASP B 482 29.90 9.44 -6.83
C ASP B 482 29.29 10.35 -5.77
N ILE B 483 28.85 9.79 -4.65
CA ILE B 483 28.28 10.57 -3.56
C ILE B 483 29.31 10.65 -2.44
N PRO B 484 30.32 11.52 -2.55
CA PRO B 484 31.38 11.54 -1.53
C PRO B 484 30.89 11.90 -0.14
N TYR B 485 30.14 12.99 0.03
CA TYR B 485 29.88 13.53 1.37
C TYR B 485 28.60 12.99 2.00
N TYR B 486 28.50 11.67 1.99
CA TYR B 486 27.36 10.95 2.62
C TYR B 486 27.91 10.28 3.88
N PHE B 487 28.10 11.07 4.92
CA PHE B 487 28.68 10.63 6.23
C PHE B 487 27.79 9.60 6.93
N TYR B 488 26.47 9.72 6.83
CA TYR B 488 25.54 8.75 7.45
C TYR B 488 25.85 7.36 6.89
N ARG B 489 25.96 7.25 5.56
CA ARG B 489 26.32 5.99 4.93
C ARG B 489 27.69 5.50 5.39
N ASP B 490 28.70 6.37 5.26
CA ASP B 490 30.07 6.06 5.65
C ASP B 490 30.13 5.47 7.05
N ASP B 491 29.80 6.30 8.05
CA ASP B 491 29.89 5.85 9.44
C ASP B 491 28.94 4.70 9.72
N GLY B 492 27.76 4.71 9.10
CA GLY B 492 26.83 3.61 9.29
C GLY B 492 27.44 2.26 8.97
N LEU B 493 28.03 2.15 7.77
CA LEU B 493 28.64 0.89 7.35
C LEU B 493 29.64 0.38 8.37
N LEU B 494 30.48 1.27 8.91
CA LEU B 494 31.46 0.87 9.90
C LEU B 494 30.78 0.27 11.13
N VAL B 495 29.82 0.98 11.70
CA VAL B 495 29.13 0.48 12.88
C VAL B 495 28.43 -0.85 12.55
N TRP B 496 27.73 -0.90 11.41
CA TRP B 496 27.07 -2.15 11.02
C TRP B 496 28.08 -3.29 10.96
N GLU B 497 29.19 -3.07 10.25
CA GLU B 497 30.19 -4.11 10.13
C GLU B 497 30.74 -4.50 11.49
N ALA B 498 30.89 -3.55 12.40
CA ALA B 498 31.43 -3.84 13.71
C ALA B 498 30.48 -4.71 14.52
N ILE B 499 29.17 -4.48 14.39
CA ILE B 499 28.19 -5.30 15.09
C ILE B 499 28.04 -6.66 14.41
N ARG B 500 28.12 -6.70 13.08
CA ARG B 500 28.07 -7.97 12.38
C ARG B 500 29.20 -8.89 12.82
N THR B 501 30.37 -8.33 13.11
CA THR B 501 31.49 -9.16 13.54
C THR B 501 31.25 -9.70 14.95
N PHE B 502 30.78 -8.83 15.84
CA PHE B 502 30.50 -9.23 17.23
C PHE B 502 29.48 -10.36 17.28
N THR B 503 28.34 -10.18 16.62
CA THR B 503 27.31 -11.22 16.70
C THR B 503 27.81 -12.51 16.08
N ALA B 504 28.32 -12.45 14.85
CA ALA B 504 28.85 -13.66 14.23
C ALA B 504 29.81 -14.38 15.18
N GLU B 505 30.69 -13.63 15.84
CA GLU B 505 31.62 -14.26 16.77
C GLU B 505 30.87 -14.92 17.93
N VAL B 506 29.82 -14.28 18.44
CA VAL B 506 29.06 -14.84 19.55
C VAL B 506 28.24 -16.04 19.11
N VAL B 507 27.71 -16.00 17.88
CA VAL B 507 27.00 -17.16 17.36
C VAL B 507 27.93 -18.37 17.28
N ASP B 508 29.17 -18.14 16.84
CA ASP B 508 30.09 -19.26 16.68
C ASP B 508 30.44 -19.87 18.02
N ILE B 509 30.38 -19.09 19.09
CA ILE B 509 30.75 -19.62 20.40
C ILE B 509 29.72 -20.64 20.88
N TYR B 510 28.43 -20.37 20.67
CA TYR B 510 27.39 -21.21 21.24
C TYR B 510 26.67 -22.08 20.22
N TYR B 511 26.92 -21.90 18.93
CA TYR B 511 26.42 -22.78 17.89
C TYR B 511 27.61 -23.38 17.15
N GLU B 512 27.70 -24.71 17.13
CA GLU B 512 28.81 -25.37 16.47
C GLU B 512 28.66 -25.40 14.96
N GLY B 513 27.42 -25.39 14.47
CA GLY B 513 27.18 -25.42 13.03
C GLY B 513 25.77 -24.99 12.75
N ASP B 514 25.48 -24.79 11.47
CA ASP B 514 24.16 -24.28 11.10
C ASP B 514 23.04 -25.13 11.67
N GLN B 515 23.20 -26.46 11.61
CA GLN B 515 22.12 -27.37 11.99
C GLN B 515 21.72 -27.18 13.45
N VAL B 516 22.68 -26.88 14.33
CA VAL B 516 22.32 -26.51 15.69
C VAL B 516 21.42 -25.29 15.70
N VAL B 517 21.59 -24.39 14.72
CA VAL B 517 20.75 -23.20 14.64
C VAL B 517 19.35 -23.56 14.23
N GLU B 518 19.21 -24.21 13.07
CA GLU B 518 17.92 -24.63 12.57
C GLU B 518 17.09 -25.34 13.64
N GLU B 519 17.74 -26.13 14.50
CA GLU B 519 17.03 -26.98 15.45
C GLU B 519 16.66 -26.29 16.76
N ASP B 520 17.33 -25.20 17.09
CA ASP B 520 17.07 -24.46 18.32
C ASP B 520 15.60 -24.03 18.40
N PRO B 521 14.79 -24.72 19.19
CA PRO B 521 13.34 -24.48 19.11
C PRO B 521 12.94 -23.10 19.61
N GLU B 522 13.64 -22.57 20.61
CA GLU B 522 13.32 -21.25 21.15
C GLU B 522 13.77 -20.14 20.21
N LEU B 523 14.88 -20.34 19.50
CA LEU B 523 15.25 -19.38 18.47
C LEU B 523 14.18 -19.31 17.38
N GLN B 524 13.80 -20.47 16.84
CA GLN B 524 12.79 -20.47 15.77
C GLN B 524 11.52 -19.78 16.23
N ASP B 525 11.07 -20.07 17.45
CA ASP B 525 9.87 -19.43 17.97
C ASP B 525 10.10 -17.94 18.22
N PHE B 526 11.33 -17.52 18.55
CA PHE B 526 11.64 -16.10 18.59
C PHE B 526 11.41 -15.46 17.24
N VAL B 527 12.04 -16.01 16.19
CA VAL B 527 11.86 -15.50 14.84
C VAL B 527 10.37 -15.50 14.48
N ASN B 528 9.70 -16.62 14.74
CA ASN B 528 8.32 -16.78 14.29
C ASN B 528 7.38 -15.76 14.92
N ASP B 529 7.68 -15.29 16.13
CA ASP B 529 6.82 -14.30 16.75
C ASP B 529 6.94 -12.96 16.05
N VAL B 530 8.18 -12.59 15.66
CA VAL B 530 8.40 -11.33 14.98
C VAL B 530 7.65 -11.30 13.66
N TYR B 531 7.58 -12.45 13.00
CA TYR B 531 6.94 -12.52 11.69
C TYR B 531 5.42 -12.58 11.81
N VAL B 532 4.90 -13.41 12.69
CA VAL B 532 3.45 -13.65 12.74
C VAL B 532 2.73 -12.55 13.51
N TYR B 533 3.28 -12.07 14.61
CA TYR B 533 2.64 -11.05 15.44
C TYR B 533 3.28 -9.67 15.29
N GLY B 534 4.61 -9.61 15.32
CA GLY B 534 5.30 -8.37 15.03
C GLY B 534 4.92 -7.77 13.70
N MET B 535 5.16 -8.49 12.61
CA MET B 535 4.91 -7.97 11.27
C MET B 535 3.56 -8.39 10.72
N ARG B 536 2.67 -8.92 11.55
CA ARG B 536 1.32 -9.29 11.13
C ARG B 536 1.35 -10.36 10.03
N GLY B 537 2.41 -11.16 10.02
CA GLY B 537 2.49 -12.27 9.06
C GLY B 537 2.31 -11.85 7.62
N ARG B 538 2.75 -10.65 7.27
CA ARG B 538 2.60 -10.17 5.89
C ARG B 538 3.73 -10.74 5.05
N LYS B 539 3.39 -11.58 4.07
CA LYS B 539 4.41 -12.26 3.29
C LYS B 539 5.40 -11.29 2.66
N SER B 540 4.94 -10.10 2.29
CA SER B 540 5.76 -9.14 1.58
C SER B 540 6.77 -8.42 2.47
N SER B 541 6.65 -8.55 3.79
CA SER B 541 7.60 -7.90 4.69
C SER B 541 8.98 -8.52 4.60
N GLY B 542 9.11 -9.70 4.01
CA GLY B 542 10.41 -10.29 3.80
C GLY B 542 11.13 -10.70 5.05
N PHE B 543 10.44 -10.79 6.20
CA PHE B 543 11.15 -11.26 7.38
C PHE B 543 11.32 -12.77 7.34
N PRO B 544 12.37 -13.30 7.97
CA PRO B 544 12.55 -14.75 8.00
C PRO B 544 11.46 -15.42 8.82
N LYS B 545 10.81 -16.43 8.23
CA LYS B 545 9.87 -17.26 8.99
C LYS B 545 10.61 -18.18 9.94
N SER B 546 11.86 -18.52 9.61
CA SER B 546 12.77 -19.23 10.49
C SER B 546 14.18 -18.84 10.11
N VAL B 547 15.14 -19.35 10.88
CA VAL B 547 16.55 -19.06 10.67
C VAL B 547 17.31 -20.37 10.71
N LYS B 548 18.02 -20.69 9.62
CA LYS B 548 18.55 -22.03 9.44
C LYS B 548 20.07 -22.06 9.28
N SER B 549 20.77 -20.98 9.62
CA SER B 549 22.22 -20.99 9.49
C SER B 549 22.81 -19.93 10.40
N ARG B 550 24.09 -20.13 10.72
CA ARG B 550 24.80 -19.16 11.56
C ARG B 550 25.01 -17.85 10.83
N GLU B 551 25.14 -17.89 9.50
CA GLU B 551 25.26 -16.64 8.74
C GLU B 551 23.97 -15.85 8.82
N GLN B 552 22.85 -16.49 8.52
CA GLN B 552 21.57 -15.80 8.55
C GLN B 552 21.23 -15.31 9.96
N LEU B 553 21.61 -16.07 10.99
CA LEU B 553 21.33 -15.65 12.37
C LEU B 553 22.21 -14.47 12.78
N SER B 554 23.49 -14.49 12.36
CA SER B 554 24.35 -13.34 12.62
C SER B 554 23.76 -12.07 12.01
N GLU B 555 23.20 -12.17 10.80
CA GLU B 555 22.54 -11.04 10.16
C GLU B 555 21.31 -10.61 10.95
N TYR B 556 20.42 -11.57 11.24
CA TYR B 556 19.21 -11.24 11.98
C TYR B 556 19.55 -10.49 13.26
N LEU B 557 20.52 -11.02 14.02
CA LEU B 557 20.94 -10.34 15.25
C LEU B 557 21.48 -8.95 14.99
N THR B 558 22.13 -8.74 13.84
CA THR B 558 22.70 -7.42 13.54
C THR B 558 21.59 -6.40 13.26
N VAL B 559 20.52 -6.84 12.61
CA VAL B 559 19.37 -5.95 12.43
C VAL B 559 18.87 -5.48 13.80
N VAL B 560 18.64 -6.41 14.71
CA VAL B 560 18.06 -6.06 16.00
C VAL B 560 18.92 -5.03 16.73
N ILE B 561 20.24 -5.27 16.78
CA ILE B 561 21.13 -4.41 17.53
C ILE B 561 21.33 -3.08 16.81
N PHE B 562 21.50 -3.14 15.48
CA PHE B 562 21.81 -1.92 14.73
C PHE B 562 20.60 -1.00 14.69
N THR B 563 19.39 -1.55 14.62
CA THR B 563 18.21 -0.72 14.60
C THR B 563 18.02 0.00 15.91
N ALA B 564 18.16 -0.74 17.02
CA ALA B 564 17.90 -0.25 18.36
C ALA B 564 19.05 0.57 18.94
N SER B 565 20.15 0.74 18.21
CA SER B 565 21.29 1.50 18.71
C SER B 565 21.77 2.55 17.70
N ALA B 566 22.57 2.13 16.73
CA ALA B 566 23.09 3.07 15.74
C ALA B 566 21.98 3.79 15.01
N GLN B 567 21.05 3.03 14.41
CA GLN B 567 20.03 3.64 13.57
C GLN B 567 19.15 4.61 14.36
N HIS B 568 18.87 4.30 15.62
CA HIS B 568 18.06 5.21 16.41
C HIS B 568 18.85 6.45 16.78
N ALA B 569 20.09 6.27 17.21
CA ALA B 569 20.90 7.42 17.60
C ALA B 569 21.20 8.35 16.45
N ALA B 570 20.96 7.92 15.20
CA ALA B 570 21.18 8.76 14.04
C ALA B 570 19.97 9.62 13.68
N VAL B 571 18.77 9.11 13.92
CA VAL B 571 17.57 9.86 13.60
C VAL B 571 16.99 10.58 14.81
N ASN B 572 17.54 10.35 16.00
CA ASN B 572 17.02 11.00 17.19
C ASN B 572 17.91 12.13 17.68
N PHE B 573 19.16 11.85 17.98
CA PHE B 573 19.95 12.86 18.68
C PHE B 573 20.37 14.03 17.79
N GLY B 574 19.84 14.15 16.58
CA GLY B 574 20.09 15.34 15.78
C GLY B 574 18.91 16.31 15.79
N GLN B 575 17.80 15.88 16.40
CA GLN B 575 16.56 16.65 16.33
C GLN B 575 16.74 18.07 16.83
N TYR B 576 17.55 18.27 17.86
CA TYR B 576 17.75 19.64 18.32
C TYR B 576 18.75 20.38 17.45
N ASP B 577 19.73 19.68 16.90
CA ASP B 577 20.71 20.34 16.04
C ASP B 577 20.05 20.95 14.81
N TRP B 578 19.00 20.32 14.29
CA TRP B 578 18.42 20.77 13.03
C TRP B 578 17.01 21.32 13.16
N ALA B 579 16.19 20.83 14.09
CA ALA B 579 14.83 21.30 14.19
C ALA B 579 14.64 22.39 15.24
N SER B 580 15.67 22.73 16.01
CA SER B 580 15.55 23.82 16.98
C SER B 580 15.18 25.12 16.29
N TRP B 581 15.62 25.29 15.05
CA TRP B 581 15.33 26.49 14.26
C TRP B 581 14.13 26.17 13.37
N ILE B 582 12.99 26.76 13.71
CA ILE B 582 11.72 26.24 13.20
C ILE B 582 11.61 26.36 11.69
N PRO B 583 12.05 27.44 11.04
CA PRO B 583 11.98 27.48 9.56
C PRO B 583 12.65 26.30 8.88
N ASN B 584 13.60 25.63 9.54
CA ASN B 584 14.28 24.49 8.94
C ASN B 584 13.64 23.15 9.26
N ALA B 585 12.68 23.12 10.17
CA ALA B 585 11.93 21.91 10.49
C ALA B 585 10.59 22.31 11.08
N PRO B 586 9.67 22.88 10.30
CA PRO B 586 8.40 23.33 10.86
C PRO B 586 7.54 22.15 11.29
N PRO B 587 7.20 22.06 12.57
CA PRO B 587 6.32 20.97 13.05
C PRO B 587 4.92 21.02 12.47
N THR B 588 4.53 22.11 11.83
CA THR B 588 3.19 22.20 11.23
C THR B 588 3.12 23.48 10.40
N MET B 589 2.08 23.56 9.58
CA MET B 589 1.84 24.67 8.67
C MET B 589 0.43 25.19 8.89
N ARG B 590 0.27 26.52 8.91
CA ARG B 590 -1.02 27.13 9.17
C ARG B 590 -1.72 27.65 7.93
N ALA B 591 -1.07 27.57 6.77
CA ALA B 591 -1.70 27.92 5.50
C ALA B 591 -1.38 26.84 4.48
N PRO B 592 -2.20 26.68 3.45
CA PRO B 592 -1.94 25.66 2.45
C PRO B 592 -0.77 26.08 1.55
N PRO B 593 -0.24 25.16 0.74
CA PRO B 593 0.92 25.51 -0.09
C PRO B 593 0.53 26.47 -1.18
N PRO B 594 1.46 27.33 -1.64
CA PRO B 594 1.12 28.23 -2.74
C PRO B 594 0.80 27.48 -4.02
N THR B 595 -0.07 28.08 -4.84
CA THR B 595 -0.47 27.53 -6.13
C THR B 595 -0.06 28.42 -7.28
N ALA B 596 0.61 29.53 -7.02
CA ALA B 596 1.02 30.46 -8.06
C ALA B 596 2.38 31.03 -7.69
N LYS B 597 3.17 31.34 -8.72
CA LYS B 597 4.43 32.03 -8.53
C LYS B 597 4.21 33.54 -8.46
N GLY B 598 5.20 34.23 -7.88
CA GLY B 598 5.19 35.69 -7.83
C GLY B 598 4.13 36.31 -6.95
N VAL B 599 3.57 35.56 -6.00
CA VAL B 599 2.50 36.06 -5.15
C VAL B 599 2.96 36.02 -3.69
N VAL B 600 3.75 35.00 -3.34
CA VAL B 600 4.16 34.81 -1.96
C VAL B 600 4.94 36.01 -1.46
N THR B 601 4.76 36.33 -0.19
CA THR B 601 5.42 37.46 0.44
C THR B 601 5.94 37.04 1.81
N ILE B 602 7.05 37.66 2.24
CA ILE B 602 7.67 37.31 3.51
C ILE B 602 6.64 37.25 4.63
N GLU B 603 5.56 38.02 4.52
CA GLU B 603 4.53 38.00 5.56
C GLU B 603 3.86 36.64 5.61
N GLN B 604 3.21 36.23 4.52
CA GLN B 604 2.53 34.95 4.51
C GLN B 604 3.50 33.78 4.67
N ILE B 605 4.80 34.01 4.63
CA ILE B 605 5.72 32.99 5.13
C ILE B 605 5.58 32.86 6.64
N VAL B 606 5.42 34.01 7.32
CA VAL B 606 5.23 33.97 8.77
C VAL B 606 3.87 33.35 9.11
N ASP B 607 2.81 33.78 8.42
CA ASP B 607 1.49 33.23 8.69
C ASP B 607 1.40 31.75 8.35
N THR B 608 2.28 31.23 7.50
CA THR B 608 2.31 29.79 7.28
C THR B 608 3.07 29.07 8.39
N LEU B 609 4.12 29.69 8.92
CA LEU B 609 4.90 29.07 9.96
C LEU B 609 4.10 29.01 11.26
N PRO B 610 4.50 28.14 12.19
CA PRO B 610 3.70 27.93 13.41
C PRO B 610 3.80 29.09 14.38
N ASP B 611 2.74 29.23 15.19
CA ASP B 611 2.69 30.30 16.18
C ASP B 611 3.63 30.02 17.34
N ARG B 612 4.00 31.11 18.05
CA ARG B 612 4.98 30.99 19.13
C ARG B 612 4.59 29.91 20.11
N GLY B 613 3.33 29.87 20.52
CA GLY B 613 2.88 28.88 21.47
C GLY B 613 3.23 27.47 21.03
N ARG B 614 2.86 27.12 19.80
CA ARG B 614 3.25 25.82 19.25
C ARG B 614 4.76 25.76 19.03
N SER B 615 5.39 26.91 18.80
CA SER B 615 6.82 26.93 18.47
C SER B 615 7.67 26.65 19.71
N CYS B 616 7.24 27.14 20.87
CA CYS B 616 8.03 26.92 22.09
C CYS B 616 7.88 25.49 22.59
N TRP B 617 6.76 24.84 22.29
CA TRP B 617 6.62 23.44 22.65
C TRP B 617 7.52 22.56 21.79
N HIS B 618 7.68 22.90 20.51
CA HIS B 618 8.57 22.16 19.62
C HIS B 618 10.01 22.21 20.13
N LEU B 619 10.51 23.43 20.40
CA LEU B 619 11.91 23.57 20.82
C LEU B 619 12.18 22.77 22.08
N GLY B 620 11.36 22.92 23.11
CA GLY B 620 11.59 22.20 24.34
C GLY B 620 11.55 20.70 24.18
N ALA B 621 10.74 20.22 23.22
CA ALA B 621 10.61 18.79 22.96
C ALA B 621 11.83 18.23 22.25
N VAL B 622 12.18 18.79 21.08
CA VAL B 622 13.35 18.28 20.38
C VAL B 622 14.58 18.41 21.25
N TRP B 623 14.56 19.33 22.22
CA TRP B 623 15.70 19.43 23.12
C TRP B 623 15.70 18.29 24.13
N ALA B 624 14.52 17.95 24.65
CA ALA B 624 14.41 16.85 25.61
C ALA B 624 14.85 15.53 24.99
N LEU B 625 14.58 15.33 23.70
CA LEU B 625 14.89 14.05 23.06
C LEU B 625 16.36 13.91 22.73
N SER B 626 17.05 15.01 22.40
CA SER B 626 18.47 14.98 22.07
C SER B 626 19.37 14.91 23.28
N GLN B 627 18.84 14.53 24.45
CA GLN B 627 19.60 14.58 25.69
C GLN B 627 20.04 13.18 26.09
N PHE B 628 21.32 13.04 26.44
CA PHE B 628 21.83 11.83 27.05
C PHE B 628 21.67 11.92 28.56
N GLN B 629 21.31 10.80 29.18
CA GLN B 629 21.10 10.79 30.62
C GLN B 629 22.44 10.62 31.34
N GLU B 630 22.41 10.90 32.65
CA GLU B 630 23.65 10.96 33.42
C GLU B 630 24.40 9.63 33.38
N ASN B 631 23.68 8.52 33.35
CA ASN B 631 24.27 7.18 33.37
C ASN B 631 23.90 6.40 32.12
N GLU B 632 24.01 7.05 30.96
CA GLU B 632 23.67 6.39 29.70
C GLU B 632 24.70 5.31 29.37
N LEU B 633 24.22 4.17 28.88
CA LEU B 633 25.09 3.09 28.46
C LEU B 633 25.23 3.16 26.95
N PHE B 634 26.43 3.51 26.49
CA PHE B 634 26.69 3.61 25.04
C PHE B 634 27.03 2.25 24.50
N LEU B 635 26.98 2.09 23.18
CA LEU B 635 27.13 0.79 22.50
C LEU B 635 28.40 0.09 22.97
N GLY B 636 28.24 -1.15 23.41
CA GLY B 636 29.34 -1.97 23.93
C GLY B 636 29.50 -1.90 25.43
N MET B 637 28.77 -1.03 26.10
CA MET B 637 28.87 -0.93 27.56
C MET B 637 27.85 -1.89 28.18
N TYR B 638 28.34 -3.04 28.66
CA TYR B 638 27.46 -4.04 29.24
C TYR B 638 27.74 -4.17 30.74
N PRO B 639 27.37 -3.16 31.54
CA PRO B 639 27.65 -3.24 32.98
C PRO B 639 26.94 -4.39 33.66
N GLU B 640 25.71 -4.69 33.24
CA GLU B 640 24.96 -5.83 33.76
C GLU B 640 25.49 -7.09 33.08
N GLU B 641 26.14 -7.95 33.87
CA GLU B 641 26.85 -9.10 33.33
C GLU B 641 25.90 -10.28 33.22
N HIS B 642 25.08 -10.26 32.17
CA HIS B 642 24.31 -11.45 31.83
C HIS B 642 25.22 -12.58 31.35
N PHE B 643 26.21 -12.26 30.53
CA PHE B 643 27.28 -13.19 30.18
C PHE B 643 28.35 -13.16 31.27
N ILE B 644 28.98 -14.32 31.50
CA ILE B 644 30.03 -14.44 32.50
C ILE B 644 31.19 -15.21 31.91
N GLU B 645 30.87 -16.18 31.05
CA GLU B 645 31.88 -17.05 30.46
C GLU B 645 32.97 -16.22 29.76
N LYS B 646 34.19 -16.72 29.83
CA LYS B 646 35.35 -15.97 29.35
C LYS B 646 35.37 -15.81 27.83
N PRO B 647 34.96 -16.82 27.05
CA PRO B 647 34.98 -16.65 25.58
C PRO B 647 34.14 -15.48 25.08
N VAL B 648 32.88 -15.39 25.46
CA VAL B 648 32.07 -14.26 25.00
C VAL B 648 32.53 -12.96 25.65
N LYS B 649 33.19 -13.04 26.80
CA LYS B 649 33.71 -11.83 27.44
C LYS B 649 34.86 -11.23 26.64
N GLU B 650 35.70 -12.08 26.05
CA GLU B 650 36.73 -11.58 25.14
C GLU B 650 36.11 -11.06 23.85
N ALA B 651 35.09 -11.76 23.34
CA ALA B 651 34.39 -11.29 22.16
C ALA B 651 33.92 -9.86 22.34
N MET B 652 33.34 -9.55 23.51
CA MET B 652 32.92 -8.17 23.77
C MET B 652 34.12 -7.23 23.79
N ALA B 653 35.23 -7.67 24.40
CA ALA B 653 36.41 -6.83 24.48
C ALA B 653 36.88 -6.40 23.08
N ARG B 654 36.79 -7.30 22.11
CA ARG B 654 37.11 -6.93 20.73
C ARG B 654 36.11 -5.94 20.17
N PHE B 655 34.81 -6.21 20.35
CA PHE B 655 33.78 -5.29 19.90
C PHE B 655 34.03 -3.87 20.43
N ARG B 656 34.35 -3.77 21.72
CA ARG B 656 34.68 -2.45 22.28
C ARG B 656 35.94 -1.89 21.64
N LYS B 657 36.81 -2.76 21.12
CA LYS B 657 38.03 -2.25 20.51
C LYS B 657 37.73 -1.65 19.15
N ASN B 658 36.99 -2.38 18.31
CA ASN B 658 36.58 -1.83 17.02
C ASN B 658 35.78 -0.55 17.20
N LEU B 659 34.83 -0.54 18.12
CA LEU B 659 34.06 0.67 18.34
C LEU B 659 34.97 1.83 18.72
N GLU B 660 36.06 1.55 19.44
CA GLU B 660 37.01 2.61 19.74
C GLU B 660 37.74 3.07 18.48
N ALA B 661 38.05 2.12 17.59
CA ALA B 661 38.70 2.49 16.34
C ALA B 661 37.81 3.40 15.50
N ILE B 662 36.53 3.06 15.40
CA ILE B 662 35.60 3.91 14.64
C ILE B 662 35.50 5.30 15.26
N VAL B 663 35.59 5.40 16.58
CA VAL B 663 35.63 6.72 17.20
C VAL B 663 36.83 7.50 16.69
N SER B 664 37.99 6.85 16.67
CA SER B 664 39.19 7.46 16.09
C SER B 664 38.93 8.00 14.70
N VAL B 665 38.45 7.14 13.78
CA VAL B 665 38.31 7.55 12.38
C VAL B 665 37.31 8.68 12.26
N ILE B 666 36.11 8.48 12.78
CA ILE B 666 35.09 9.52 12.69
C ILE B 666 35.59 10.81 13.33
N ALA B 667 36.30 10.70 14.45
CA ALA B 667 36.81 11.89 15.12
C ALA B 667 37.80 12.65 14.25
N GLU B 668 38.59 11.93 13.46
CA GLU B 668 39.56 12.55 12.58
C GLU B 668 38.91 13.09 11.30
N ARG B 669 37.95 12.35 10.75
CA ARG B 669 37.18 12.86 9.61
C ARG B 669 36.44 14.14 9.96
N ASN B 670 35.99 14.30 11.20
CA ASN B 670 35.24 15.49 11.57
C ASN B 670 36.12 16.71 11.78
N GLU B 671 37.43 16.60 11.57
CA GLU B 671 38.30 17.74 11.85
C GLU B 671 38.28 18.77 10.74
N ASN B 672 38.62 18.35 9.51
CA ASN B 672 38.53 19.27 8.38
C ASN B 672 37.13 19.36 7.81
N LEU B 673 36.12 18.93 8.56
CA LEU B 673 34.74 19.10 8.14
C LEU B 673 34.21 20.44 8.63
N GLN B 674 33.64 21.23 7.71
CA GLN B 674 33.02 22.48 8.09
C GLN B 674 31.97 22.27 9.19
N LEU B 675 31.20 21.19 9.10
CA LEU B 675 30.08 20.93 9.99
C LEU B 675 30.13 19.45 10.37
N PRO B 676 30.72 19.12 11.52
CA PRO B 676 30.94 17.71 11.85
C PRO B 676 29.64 16.91 11.83
N TYR B 677 29.79 15.60 11.62
CA TYR B 677 28.69 14.64 11.69
C TYR B 677 29.10 13.59 12.71
N TYR B 678 28.52 13.64 13.91
CA TYR B 678 28.97 12.81 15.01
C TYR B 678 27.88 11.89 15.57
N TYR B 679 26.71 11.83 14.92
CA TYR B 679 25.60 11.07 15.46
C TYR B 679 25.87 9.58 15.53
N LEU B 680 26.68 9.05 14.60
CA LEU B 680 27.00 7.63 14.56
C LEU B 680 28.40 7.34 15.11
N SER B 681 29.04 8.30 15.75
CA SER B 681 30.25 8.02 16.50
C SER B 681 29.92 7.07 17.64
N PRO B 682 30.50 5.86 17.67
CA PRO B 682 30.03 4.83 18.61
C PRO B 682 29.90 5.32 20.05
N ASP B 683 30.80 6.18 20.51
CA ASP B 683 30.75 6.63 21.90
C ASP B 683 29.56 7.54 22.18
N ARG B 684 28.74 7.86 21.18
CA ARG B 684 27.53 8.64 21.36
C ARG B 684 26.29 7.86 21.00
N ILE B 685 26.42 6.58 20.66
CA ILE B 685 25.31 5.73 20.26
C ILE B 685 24.83 4.98 21.49
N PRO B 686 23.63 5.26 22.01
CA PRO B 686 23.13 4.49 23.16
C PRO B 686 23.02 3.02 22.81
N ASN B 687 22.96 2.19 23.85
CA ASN B 687 22.83 0.75 23.65
C ASN B 687 21.45 0.34 23.19
N SER B 688 20.47 1.24 23.26
CA SER B 688 19.07 0.88 23.08
C SER B 688 18.27 2.13 22.79
N VAL B 689 17.04 1.92 22.34
CA VAL B 689 16.04 2.97 22.20
C VAL B 689 15.48 3.24 23.59
N ALA B 690 15.93 4.31 24.25
CA ALA B 690 15.49 4.61 25.61
C ALA B 690 15.21 6.10 25.81
N ILE B 691 14.79 6.80 24.75
CA ILE B 691 14.50 8.23 24.81
C ILE B 691 13.97 8.62 23.44
FE FE2 C . -21.86 -1.73 -12.48
FE FE2 D . 13.66 8.05 20.08
O25 30Z E . 7.34 6.92 20.60
C19 30Z E . 7.76 8.14 21.15
C18 30Z E . 7.21 9.34 20.74
C20 30Z E . 8.75 8.13 22.12
O23 30Z E . 9.31 6.92 22.52
C21 30Z E . 9.19 9.32 22.69
C22 30Z E . 8.63 10.52 22.28
C17 30Z E . 7.63 10.52 21.32
C15 30Z E . 7.04 11.87 20.87
C14 30Z E . 7.68 12.41 19.59
C16 30Z E . 9.20 12.55 19.77
C12 30Z E . 7.03 13.76 19.20
C13 30Z E . 6.93 14.73 20.37
C11 30Z E . 7.85 14.40 18.07
C3 30Z E . 7.20 15.69 17.54
C2 30Z E . 6.17 15.61 16.61
C4 30Z E . 7.66 16.91 18.01
C5 30Z E . 7.07 18.06 17.54
O9 30Z E . 7.51 19.31 17.99
C6 30Z E . 6.05 17.98 16.60
C1 30Z E . 5.60 16.77 16.14
O7 30Z E . 5.46 19.15 16.14
H25 30Z E . 8.01 6.41 20.50
H18 30Z E . 6.54 9.35 20.10
H23 30Z E . 10.04 7.06 22.93
H21 30Z E . 9.86 9.30 23.34
H22 30Z E . 8.93 11.32 22.66
H151 30Z E . 7.17 12.51 21.58
H152 30Z E . 6.09 11.75 20.72
H14 30Z E . 7.51 11.78 18.87
H161 30Z E . 9.57 11.71 20.08
H162 30Z E . 9.61 12.79 18.93
H163 30Z E . 9.38 13.25 20.42
H12 30Z E . 6.14 13.59 18.87
H131 30Z E . 6.36 14.35 21.06
H132 30Z E . 7.81 14.89 20.75
H133 30Z E . 6.55 15.57 20.07
H111 30Z E . 7.93 13.77 17.34
H112 30Z E . 8.73 14.61 18.39
H2 30Z E . 5.88 14.78 16.31
H4 30Z E . 8.34 16.95 18.63
H1 30Z E . 4.90 16.74 15.51
H9 30Z E . 6.86 19.86 17.99
H7 30Z E . 5.24 19.04 15.32
#